data_2DRT
# 
_entry.id   2DRT 
# 
_audit_conform.dict_name       mmcif_pdbx.dic 
_audit_conform.dict_version    5.380 
_audit_conform.dict_location   http://mmcif.pdb.org/dictionaries/ascii/mmcif_pdbx.dic 
# 
loop_
_database_2.database_id 
_database_2.database_code 
_database_2.pdbx_database_accession 
_database_2.pdbx_DOI 
PDB   2DRT         pdb_00002drt 10.2210/pdb2drt/pdb 
RCSB  RCSB025766   ?            ?                   
WWPDB D_1000025766 ?            ?                   
# 
loop_
_pdbx_database_related.db_name 
_pdbx_database_related.db_id 
_pdbx_database_related.details 
_pdbx_database_related.content_type 
PDB 2DRX 'similar sequence with two LOG triplet' unspecified 
PDB 1V4F 'similar sequence with no LOG triplet'  unspecified 
# 
_pdbx_database_status.status_code                     REL 
_pdbx_database_status.entry_id                        2DRT 
_pdbx_database_status.recvd_initial_deposition_date   2006-06-14 
_pdbx_database_status.deposit_site                    PDBJ 
_pdbx_database_status.process_site                    PDBJ 
_pdbx_database_status.status_code_sf                  REL 
_pdbx_database_status.status_code_mr                  ? 
_pdbx_database_status.SG_entry                        ? 
_pdbx_database_status.pdb_format_compatible           Y 
_pdbx_database_status.status_code_cs                  ? 
_pdbx_database_status.status_code_nmr_data            ? 
_pdbx_database_status.methods_development_category    ? 
# 
_audit_author.name           'Okuyama, K.' 
_audit_author.pdbx_ordinal   1 
# 
_citation.id                        primary 
_citation.title                     'Unique side chain conformation of a leu residue in a triple-helical structure' 
_citation.journal_abbrev            Biopolymers 
_citation.journal_volume            86 
_citation.page_first                212 
_citation.page_last                 221 
_citation.year                      2007 
_citation.journal_id_ASTM           BIPMAA 
_citation.country                   US 
_citation.journal_id_ISSN           0006-3525 
_citation.journal_id_CSD            0161 
_citation.book_publisher            ? 
_citation.pdbx_database_id_PubMed   17373653 
_citation.pdbx_database_id_DOI      10.1002/bip.20724 
# 
loop_
_citation_author.citation_id 
_citation_author.name 
_citation_author.ordinal 
_citation_author.identifier_ORCID 
primary 'Okuyama, K.'   1 ? 
primary 'Narita, H.'    2 ? 
primary 'Kawaguchi, T.' 3 ? 
primary 'Noguchi, K.'   4 ? 
primary 'Tanaka, Y.'    5 ? 
primary 'Nishino, N.'   6 ? 
# 
_cell.entry_id           2DRT 
_cell.length_a           14.092 
_cell.length_b           24.748 
_cell.length_c           84.449 
_cell.angle_alpha        90.00 
_cell.angle_beta         91.00 
_cell.angle_gamma        90.00 
_cell.Z_PDB              6 
_cell.pdbx_unique_axis   ? 
_cell.length_a_esd       ? 
_cell.length_b_esd       ? 
_cell.length_c_esd       ? 
_cell.angle_alpha_esd    ? 
_cell.angle_beta_esd     ? 
_cell.angle_gamma_esd    ? 
# 
_symmetry.entry_id                         2DRT 
_symmetry.space_group_name_H-M             'P 1 21 1' 
_symmetry.pdbx_full_space_group_name_H-M   ? 
_symmetry.cell_setting                     ? 
_symmetry.Int_Tables_number                4 
_symmetry.space_group_name_Hall            ? 
# 
loop_
_entity.id 
_entity.type 
_entity.src_method 
_entity.pdbx_description 
_entity.formula_weight 
_entity.pdbx_number_of_molecules 
_entity.pdbx_ec 
_entity.pdbx_mutation 
_entity.pdbx_fragment 
_entity.details 
1 polymer     syn 'collagen like peptide' 2706.871 3   ? ? ? ? 
2 non-polymer syn ETHANOL                 46.068   3   ? ? ? ? 
3 water       nat water                   18.015   161 ? ? ? ? 
# 
_entity_poly.entity_id                      1 
_entity_poly.type                           'polypeptide(L)' 
_entity_poly.nstd_linkage                   no 
_entity_poly.nstd_monomer                   yes 
_entity_poly.pdbx_seq_one_letter_code       'P(HYP)GP(HYP)GP(HYP)GP(HYP)GL(HYP)GP(HYP)GP(HYP)GP(HYP)GP(HYP)GP(HYP)G' 
_entity_poly.pdbx_seq_one_letter_code_can   PPGPPGPPGPPGLPGPPGPPGPPGPPGPPG 
_entity_poly.pdbx_strand_id                 A,B,C 
_entity_poly.pdbx_target_identifier         ? 
# 
loop_
_entity_poly_seq.entity_id 
_entity_poly_seq.num 
_entity_poly_seq.mon_id 
_entity_poly_seq.hetero 
1 1  PRO n 
1 2  HYP n 
1 3  GLY n 
1 4  PRO n 
1 5  HYP n 
1 6  GLY n 
1 7  PRO n 
1 8  HYP n 
1 9  GLY n 
1 10 PRO n 
1 11 HYP n 
1 12 GLY n 
1 13 LEU n 
1 14 HYP n 
1 15 GLY n 
1 16 PRO n 
1 17 HYP n 
1 18 GLY n 
1 19 PRO n 
1 20 HYP n 
1 21 GLY n 
1 22 PRO n 
1 23 HYP n 
1 24 GLY n 
1 25 PRO n 
1 26 HYP n 
1 27 GLY n 
1 28 PRO n 
1 29 HYP n 
1 30 GLY n 
# 
_pdbx_entity_src_syn.entity_id              1 
_pdbx_entity_src_syn.pdbx_src_id            1 
_pdbx_entity_src_syn.pdbx_alt_source_flag   sample 
_pdbx_entity_src_syn.pdbx_beg_seq_num       ? 
_pdbx_entity_src_syn.pdbx_end_seq_num       ? 
_pdbx_entity_src_syn.organism_scientific    ? 
_pdbx_entity_src_syn.organism_common_name   ? 
_pdbx_entity_src_syn.ncbi_taxonomy_id       ? 
_pdbx_entity_src_syn.details                
'Leu-Hyp-Gly guest triplet sandwiched by host Pro-Hyp-Gly sequence; This host triplet is very popular in the collagen sequence.' 
# 
_struct_ref.id                         1 
_struct_ref.entity_id                  1 
_struct_ref.db_name                    PDB 
_struct_ref.db_code                    2DRT 
_struct_ref.pdbx_db_accession          2DRT 
_struct_ref.pdbx_db_isoform            ? 
_struct_ref.pdbx_seq_one_letter_code   ? 
_struct_ref.pdbx_align_begin           ? 
# 
loop_
_struct_ref_seq.align_id 
_struct_ref_seq.ref_id 
_struct_ref_seq.pdbx_PDB_id_code 
_struct_ref_seq.pdbx_strand_id 
_struct_ref_seq.seq_align_beg 
_struct_ref_seq.pdbx_seq_align_beg_ins_code 
_struct_ref_seq.seq_align_end 
_struct_ref_seq.pdbx_seq_align_end_ins_code 
_struct_ref_seq.pdbx_db_accession 
_struct_ref_seq.db_align_beg 
_struct_ref_seq.pdbx_db_align_beg_ins_code 
_struct_ref_seq.db_align_end 
_struct_ref_seq.pdbx_db_align_end_ins_code 
_struct_ref_seq.pdbx_auth_seq_align_beg 
_struct_ref_seq.pdbx_auth_seq_align_end 
1 1 2DRT A 1 ? 30 ? 2DRT 1 ? 30 ? 1 30 
2 1 2DRT B 1 ? 30 ? 2DRT 1 ? 30 ? 1 30 
3 1 2DRT C 1 ? 30 ? 2DRT 1 ? 30 ? 1 30 
# 
loop_
_chem_comp.id 
_chem_comp.type 
_chem_comp.mon_nstd_flag 
_chem_comp.name 
_chem_comp.pdbx_synonyms 
_chem_comp.formula 
_chem_comp.formula_weight 
EOH non-polymer         . ETHANOL          ?              'C2 H6 O'     46.068  
GLY 'peptide linking'   y GLYCINE          ?              'C2 H5 N O2'  75.067  
HOH non-polymer         . WATER            ?              'H2 O'        18.015  
HYP 'L-peptide linking' n 4-HYDROXYPROLINE HYDROXYPROLINE 'C5 H9 N O3'  131.130 
LEU 'L-peptide linking' y LEUCINE          ?              'C6 H13 N O2' 131.173 
PRO 'L-peptide linking' y PROLINE          ?              'C5 H9 N O2'  115.130 
# 
_exptl.entry_id          2DRT 
_exptl.method            'X-RAY DIFFRACTION' 
_exptl.crystals_number   1 
# 
_exptl_crystal.id                    1 
_exptl_crystal.density_meas          ? 
_exptl_crystal.density_Matthews      1.81 
_exptl_crystal.density_percent_sol   31.93 
_exptl_crystal.description           ? 
_exptl_crystal.F_000                 ? 
_exptl_crystal.preparation           ? 
# 
_exptl_crystal_grow.crystal_id      1 
_exptl_crystal_grow.method          'VAPOR DIFFUSION, SITTING DROP' 
_exptl_crystal_grow.temp            277 
_exptl_crystal_grow.temp_details    ? 
_exptl_crystal_grow.pH              4.6 
_exptl_crystal_grow.pdbx_details    
'12.5% PEG 400, 0.05M acetate buffer, 5.0% Ethanol, pH 4.6, VAPOR DIFFUSION, SITTING DROP, temperature 277K' 
_exptl_crystal_grow.pdbx_pH_range   . 
# 
_diffrn.id                     1 
_diffrn.ambient_temp           100 
_diffrn.ambient_temp_details   ? 
_diffrn.crystal_id             1 
# 
_diffrn_detector.diffrn_id              1 
_diffrn_detector.detector               CCD 
_diffrn_detector.type                   'ADSC QUANTUM 4' 
_diffrn_detector.pdbx_collection_date   2003-01-25 
_diffrn_detector.details                mirror 
# 
_diffrn_radiation.diffrn_id                        1 
_diffrn_radiation.wavelength_id                    1 
_diffrn_radiation.pdbx_monochromatic_or_laue_m_l   M 
_diffrn_radiation.monochromator                    'fixed-exit double crystal' 
_diffrn_radiation.pdbx_diffrn_protocol             'SINGLE WAVELENGTH' 
_diffrn_radiation.pdbx_scattering_type             x-ray 
# 
_diffrn_radiation_wavelength.id           1 
_diffrn_radiation_wavelength.wavelength   1.0 
_diffrn_radiation_wavelength.wt           1.0 
# 
_diffrn_source.diffrn_id                   1 
_diffrn_source.source                      SYNCHROTRON 
_diffrn_source.type                        'SPRING-8 BEAMLINE BL40B2' 
_diffrn_source.pdbx_synchrotron_site       SPring-8 
_diffrn_source.pdbx_synchrotron_beamline   BL40B2 
_diffrn_source.pdbx_wavelength             ? 
_diffrn_source.pdbx_wavelength_list        1.0 
# 
_reflns.entry_id                     2DRT 
_reflns.observed_criterion_sigma_I   ? 
_reflns.observed_criterion_sigma_F   1.0 
_reflns.d_resolution_low             50.0 
_reflns.d_resolution_high            1.6 
_reflns.number_obs                   7797 
_reflns.number_all                   8327 
_reflns.percent_possible_obs         98.6 
_reflns.pdbx_Rmerge_I_obs            0.085 
_reflns.pdbx_Rsym_value              ? 
_reflns.pdbx_netI_over_sigmaI        5.6 
_reflns.B_iso_Wilson_estimate        ? 
_reflns.pdbx_redundancy              3.4 
_reflns.R_free_details               ? 
_reflns.limit_h_max                  ? 
_reflns.limit_h_min                  ? 
_reflns.limit_k_max                  ? 
_reflns.limit_k_min                  ? 
_reflns.limit_l_max                  ? 
_reflns.limit_l_min                  ? 
_reflns.observed_criterion_F_max     ? 
_reflns.observed_criterion_F_min     ? 
_reflns.pdbx_chi_squared             ? 
_reflns.pdbx_scaling_rejects         ? 
_reflns.pdbx_diffrn_id               1 
_reflns.pdbx_ordinal                 1 
# 
_reflns_shell.d_res_high             1.60 
_reflns_shell.d_res_low              1.66 
_reflns_shell.percent_possible_all   99.6 
_reflns_shell.Rmerge_I_obs           0.316 
_reflns_shell.pdbx_Rsym_value        ? 
_reflns_shell.meanI_over_sigI_obs    ? 
_reflns_shell.pdbx_redundancy        3.4 
_reflns_shell.percent_possible_obs   ? 
_reflns_shell.number_unique_all      767 
_reflns_shell.number_measured_all    ? 
_reflns_shell.number_measured_obs    ? 
_reflns_shell.number_unique_obs      ? 
_reflns_shell.pdbx_chi_squared       ? 
_reflns_shell.pdbx_diffrn_id         ? 
_reflns_shell.pdbx_ordinal           1 
# 
_refine.entry_id                                 2DRT 
_refine.ls_number_reflns_obs                     7020 
_refine.ls_number_reflns_all                     6667 
_refine.pdbx_ls_sigma_I                          ? 
_refine.pdbx_ls_sigma_F                          0.0 
_refine.pdbx_data_cutoff_high_absF               ? 
_refine.pdbx_data_cutoff_low_absF                ? 
_refine.pdbx_data_cutoff_high_rms_absF           ? 
_refine.ls_d_res_low                             8.00 
_refine.ls_d_res_high                            1.60 
_refine.ls_percent_reflns_obs                    84.3 
_refine.ls_R_factor_obs                          ? 
_refine.ls_R_factor_all                          ? 
_refine.ls_R_factor_R_work                       0.159 
_refine.ls_R_factor_R_free                       0.216 
_refine.ls_R_factor_R_free_error                 ? 
_refine.ls_R_factor_R_free_error_details         ? 
_refine.ls_percent_reflns_R_free                 ? 
_refine.ls_number_reflns_R_free                  353 
_refine.ls_number_parameters                     2879 
_refine.ls_number_restraints                     2487 
_refine.occupancy_min                            ? 
_refine.occupancy_max                            ? 
_refine.correlation_coeff_Fo_to_Fc               ? 
_refine.correlation_coeff_Fo_to_Fc_free          ? 
_refine.B_iso_mean                               22.3 
_refine.aniso_B[1][1]                            ? 
_refine.aniso_B[2][2]                            ? 
_refine.aniso_B[3][3]                            ? 
_refine.aniso_B[1][2]                            ? 
_refine.aniso_B[1][3]                            ? 
_refine.aniso_B[2][3]                            ? 
_refine.solvent_model_details                    ? 
_refine.solvent_model_param_ksol                 ? 
_refine.solvent_model_param_bsol                 ? 
_refine.pdbx_solvent_vdw_probe_radii             ? 
_refine.pdbx_solvent_ion_probe_radii             ? 
_refine.pdbx_solvent_shrinkage_radii             ? 
_refine.pdbx_ls_cross_valid_method               'FREE R' 
_refine.details                                  ? 
_refine.pdbx_starting_model                      'PDB ENTRY 1V4F' 
_refine.pdbx_method_to_determine_struct          'MOLECULAR REPLACEMENT' 
_refine.pdbx_isotropic_thermal_model             Isotropic 
_refine.pdbx_stereochemistry_target_values       'Engh & Huber' 
_refine.pdbx_stereochem_target_val_spec_case     ? 
_refine.pdbx_R_Free_selection_details            RANDOM 
_refine.pdbx_overall_ESU_R                       ? 
_refine.pdbx_overall_ESU_R_Free                  ? 
_refine.overall_SU_ML                            ? 
_refine.overall_SU_B                             ? 
_refine.ls_redundancy_reflns_obs                 ? 
_refine.B_iso_min                                ? 
_refine.B_iso_max                                ? 
_refine.overall_SU_R_Cruickshank_DPI             ? 
_refine.overall_SU_R_free                        ? 
_refine.ls_wR_factor_R_free                      ? 
_refine.ls_wR_factor_R_work                      ? 
_refine.overall_FOM_free_R_set                   ? 
_refine.overall_FOM_work_R_set                   ? 
_refine.pdbx_refine_id                           'X-RAY DIFFRACTION' 
_refine.pdbx_diffrn_id                           1 
_refine.pdbx_TLS_residual_ADP_flag               ? 
_refine.pdbx_overall_phase_error                 ? 
_refine.pdbx_overall_SU_R_free_Cruickshank_DPI   ? 
_refine.pdbx_overall_SU_R_Blow_DPI               ? 
_refine.pdbx_overall_SU_R_free_Blow_DPI          ? 
# 
_refine_analyze.entry_id                        2DRT 
_refine_analyze.Luzzati_coordinate_error_obs    ? 
_refine_analyze.Luzzati_sigma_a_obs             ? 
_refine_analyze.Luzzati_d_res_low_obs           ? 
_refine_analyze.Luzzati_coordinate_error_free   ? 
_refine_analyze.Luzzati_sigma_a_free            ? 
_refine_analyze.Luzzati_d_res_low_free          ? 
_refine_analyze.number_disordered_residues      0 
_refine_analyze.occupancy_sum_hydrogen          468.50 
_refine_analyze.occupancy_sum_non_hydrogen      714.00 
_refine_analyze.pdbx_Luzzati_d_res_high_obs     ? 
_refine_analyze.pdbx_refine_id                  'X-RAY DIFFRACTION' 
# 
_refine_hist.pdbx_refine_id                   'X-RAY DIFFRACTION' 
_refine_hist.cycle_id                         LAST 
_refine_hist.pdbx_number_atoms_protein        549 
_refine_hist.pdbx_number_atoms_nucleic_acid   0 
_refine_hist.pdbx_number_atoms_ligand         0 
_refine_hist.number_atoms_solvent             170 
_refine_hist.number_atoms_total               719 
_refine_hist.d_res_high                       1.60 
_refine_hist.d_res_low                        8.00 
# 
loop_
_refine_ls_restr.type 
_refine_ls_restr.dev_ideal 
_refine_ls_restr.dev_ideal_target 
_refine_ls_restr.weight 
_refine_ls_restr.number 
_refine_ls_restr.pdbx_refine_id 
_refine_ls_restr.pdbx_restraint_function 
s_bond_d               0.007  ? ? ? 'X-RAY DIFFRACTION' ? 
s_angle_d              0.021  ? ? ? 'X-RAY DIFFRACTION' ? 
s_similar_dist         0.000  ? ? ? 'X-RAY DIFFRACTION' ? 
s_from_restr_planes    0.0286 ? ? ? 'X-RAY DIFFRACTION' ? 
s_zero_chiral_vol      0.038  ? ? ? 'X-RAY DIFFRACTION' ? 
s_non_zero_chiral_vol  0.039  ? ? ? 'X-RAY DIFFRACTION' ? 
s_anti_bump_dis_restr  0.074  ? ? ? 'X-RAY DIFFRACTION' ? 
s_rigid_bond_adp_cmpnt 0.000  ? ? ? 'X-RAY DIFFRACTION' ? 
s_similar_adp_cmpnt    0.060  ? ? ? 'X-RAY DIFFRACTION' ? 
s_approx_iso_adps      0.000  ? ? ? 'X-RAY DIFFRACTION' ? 
# 
loop_
_refine_ls_shell.pdbx_total_number_of_bins_used 
_refine_ls_shell.d_res_high 
_refine_ls_shell.d_res_low 
_refine_ls_shell.number_reflns_R_work 
_refine_ls_shell.R_factor_R_work 
_refine_ls_shell.percent_reflns_obs 
_refine_ls_shell.R_factor_R_free 
_refine_ls_shell.R_factor_R_free_error 
_refine_ls_shell.percent_reflns_R_free 
_refine_ls_shell.number_reflns_R_free 
_refine_ls_shell.number_reflns_all 
_refine_ls_shell.R_factor_all 
_refine_ls_shell.number_reflns_obs 
_refine_ls_shell.redundancy_reflns_obs 
_refine_ls_shell.pdbx_refine_id 
. 1.60 1.67 . 0.216 0.102 . . . . . . 685 . 'X-RAY DIFFRACTION' 
. 1.67 1.74 . 0.211 0.097 . . . . . . 648 . 'X-RAY DIFFRACTION' 
. 1.74 1.83 . 0.195 0.106 . . . . . . 704 . 'X-RAY DIFFRACTION' 
. 1.83 1.93 . 0.182 0.097 . . . . . . 646 . 'X-RAY DIFFRACTION' 
. 1.93 2.05 . 0.171 0.101 . . . . . . 674 . 'X-RAY DIFFRACTION' 
. 2.05 2.21 . 0.147 0.096 . . . . . . 641 . 'X-RAY DIFFRACTION' 
# 
_pdbx_refine.entry_id                                    2DRT 
_pdbx_refine.R_factor_all_no_cutoff                      0.159 
_pdbx_refine.R_factor_obs_no_cutoff                      ? 
_pdbx_refine.free_R_factor_no_cutoff                     ? 
_pdbx_refine.free_R_val_test_set_size_perc_no_cutoff     ? 
_pdbx_refine.free_R_val_test_set_ct_no_cutoff            ? 
_pdbx_refine.R_factor_all_4sig_cutoff                    0.1493 
_pdbx_refine.R_factor_obs_4sig_cutoff                    ? 
_pdbx_refine.free_R_factor_4sig_cutoff                   ? 
_pdbx_refine.free_R_val_test_set_size_perc_4sig_cutoff   ? 
_pdbx_refine.free_R_val_test_set_ct_4sig_cutoff          ? 
_pdbx_refine.number_reflns_obs_4sig_cutoff               5584 
_pdbx_refine.pdbx_refine_id                              'X-RAY DIFFRACTION' 
_pdbx_refine.free_R_error_no_cutoff                      ? 
# 
_struct.entry_id                  2DRT 
_struct.title                     'Structure Analysis of (POG)4-LOG-(POG)5' 
_struct.pdbx_model_details        ? 
_struct.pdbx_CASP_flag            ? 
_struct.pdbx_model_type_details   ? 
# 
_struct_keywords.entry_id        2DRT 
_struct_keywords.pdbx_keywords   'STRUCTURAL PROTEIN' 
_struct_keywords.text            'collagen, triple helix, Leu, STRUCTURAL PROTEIN' 
# 
loop_
_struct_asym.id 
_struct_asym.pdbx_blank_PDB_chainid_flag 
_struct_asym.pdbx_modified 
_struct_asym.entity_id 
_struct_asym.details 
A N N 1 ? 
B N N 1 ? 
C N N 1 ? 
D N N 2 ? 
E N N 2 ? 
F N N 2 ? 
G N N 3 ? 
H N N 3 ? 
I N N 3 ? 
# 
loop_
_struct_conn.id 
_struct_conn.conn_type_id 
_struct_conn.pdbx_leaving_atom_flag 
_struct_conn.pdbx_PDB_id 
_struct_conn.ptnr1_label_asym_id 
_struct_conn.ptnr1_label_comp_id 
_struct_conn.ptnr1_label_seq_id 
_struct_conn.ptnr1_label_atom_id 
_struct_conn.pdbx_ptnr1_label_alt_id 
_struct_conn.pdbx_ptnr1_PDB_ins_code 
_struct_conn.pdbx_ptnr1_standard_comp_id 
_struct_conn.ptnr1_symmetry 
_struct_conn.ptnr2_label_asym_id 
_struct_conn.ptnr2_label_comp_id 
_struct_conn.ptnr2_label_seq_id 
_struct_conn.ptnr2_label_atom_id 
_struct_conn.pdbx_ptnr2_label_alt_id 
_struct_conn.pdbx_ptnr2_PDB_ins_code 
_struct_conn.ptnr1_auth_asym_id 
_struct_conn.ptnr1_auth_comp_id 
_struct_conn.ptnr1_auth_seq_id 
_struct_conn.ptnr2_auth_asym_id 
_struct_conn.ptnr2_auth_comp_id 
_struct_conn.ptnr2_auth_seq_id 
_struct_conn.ptnr2_symmetry 
_struct_conn.pdbx_ptnr3_label_atom_id 
_struct_conn.pdbx_ptnr3_label_seq_id 
_struct_conn.pdbx_ptnr3_label_comp_id 
_struct_conn.pdbx_ptnr3_label_asym_id 
_struct_conn.pdbx_ptnr3_label_alt_id 
_struct_conn.pdbx_ptnr3_PDB_ins_code 
_struct_conn.details 
_struct_conn.pdbx_dist_value 
_struct_conn.pdbx_value_order 
_struct_conn.pdbx_role 
covale1  covale both ? A HYP 2  C ? ? ? 1_555 A GLY 3  N ? ? A HYP 2  A GLY 3  1_555 ? ? ? ? ? ? ? 1.335 ? ? 
covale2  covale both ? A PRO 4  C ? ? ? 1_555 A HYP 5  N ? ? A PRO 4  A HYP 5  1_555 ? ? ? ? ? ? ? 1.323 ? ? 
covale3  covale both ? A HYP 5  C ? ? ? 1_555 A GLY 6  N ? ? A HYP 5  A GLY 6  1_555 ? ? ? ? ? ? ? 1.321 ? ? 
covale4  covale both ? A PRO 7  C ? ? ? 1_555 A HYP 8  N ? ? A PRO 7  A HYP 8  1_555 ? ? ? ? ? ? ? 1.323 ? ? 
covale5  covale both ? A HYP 8  C ? ? ? 1_555 A GLY 9  N ? ? A HYP 8  A GLY 9  1_555 ? ? ? ? ? ? ? 1.338 ? ? 
covale6  covale both ? A PRO 10 C ? ? ? 1_555 A HYP 11 N ? ? A PRO 10 A HYP 11 1_555 ? ? ? ? ? ? ? 1.326 ? ? 
covale7  covale both ? A HYP 11 C ? ? ? 1_555 A GLY 12 N ? ? A HYP 11 A GLY 12 1_555 ? ? ? ? ? ? ? 1.330 ? ? 
covale8  covale both ? A LEU 13 C ? ? ? 1_555 A HYP 14 N ? ? A LEU 13 A HYP 14 1_555 ? ? ? ? ? ? ? 1.318 ? ? 
covale9  covale both ? A HYP 14 C ? ? ? 1_555 A GLY 15 N ? ? A HYP 14 A GLY 15 1_555 ? ? ? ? ? ? ? 1.313 ? ? 
covale10 covale both ? A PRO 16 C ? ? ? 1_555 A HYP 17 N ? ? A PRO 16 A HYP 17 1_555 ? ? ? ? ? ? ? 1.327 ? ? 
covale11 covale both ? A HYP 17 C ? ? ? 1_555 A GLY 18 N ? ? A HYP 17 A GLY 18 1_555 ? ? ? ? ? ? ? 1.332 ? ? 
covale12 covale both ? A PRO 19 C ? ? ? 1_555 A HYP 20 N ? ? A PRO 19 A HYP 20 1_555 ? ? ? ? ? ? ? 1.331 ? ? 
covale13 covale both ? A HYP 20 C ? ? ? 1_555 A GLY 21 N ? ? A HYP 20 A GLY 21 1_555 ? ? ? ? ? ? ? 1.336 ? ? 
covale14 covale both ? A PRO 22 C ? ? ? 1_555 A HYP 23 N ? ? A PRO 22 A HYP 23 1_555 ? ? ? ? ? ? ? 1.334 ? ? 
covale15 covale both ? A HYP 23 C ? ? ? 1_555 A GLY 24 N ? ? A HYP 23 A GLY 24 1_555 ? ? ? ? ? ? ? 1.311 ? ? 
covale16 covale both ? A PRO 25 C ? ? ? 1_555 A HYP 26 N ? ? A PRO 25 A HYP 26 1_555 ? ? ? ? ? ? ? 1.330 ? ? 
covale17 covale both ? A HYP 26 C ? ? ? 1_555 A GLY 27 N ? ? A HYP 26 A GLY 27 1_555 ? ? ? ? ? ? ? 1.333 ? ? 
covale18 covale both ? A PRO 28 C ? ? ? 1_555 A HYP 29 N ? ? A PRO 28 A HYP 29 1_555 ? ? ? ? ? ? ? 1.335 ? ? 
covale19 covale both ? A HYP 29 C ? ? ? 1_555 A GLY 30 N ? ? A HYP 29 A GLY 30 1_555 ? ? ? ? ? ? ? 1.329 ? ? 
covale20 covale both ? B HYP 2  C ? ? ? 1_555 B GLY 3  N ? ? B HYP 2  B GLY 3  1_555 ? ? ? ? ? ? ? 1.336 ? ? 
covale21 covale both ? B PRO 4  C ? ? ? 1_555 B HYP 5  N ? ? B PRO 4  B HYP 5  1_555 ? ? ? ? ? ? ? 1.323 ? ? 
covale22 covale both ? B HYP 5  C ? ? ? 1_555 B GLY 6  N ? ? B HYP 5  B GLY 6  1_555 ? ? ? ? ? ? ? 1.315 ? ? 
covale23 covale both ? B PRO 7  C ? ? ? 1_555 B HYP 8  N ? ? B PRO 7  B HYP 8  1_555 ? ? ? ? ? ? ? 1.334 ? ? 
covale24 covale both ? B HYP 8  C ? ? ? 1_555 B GLY 9  N ? ? B HYP 8  B GLY 9  1_555 ? ? ? ? ? ? ? 1.328 ? ? 
covale25 covale both ? B PRO 10 C ? ? ? 1_555 B HYP 11 N ? ? B PRO 10 B HYP 11 1_555 ? ? ? ? ? ? ? 1.333 ? ? 
covale26 covale both ? B HYP 11 C ? ? ? 1_555 B GLY 12 N ? ? B HYP 11 B GLY 12 1_555 ? ? ? ? ? ? ? 1.338 ? ? 
covale27 covale both ? B LEU 13 C ? ? ? 1_555 B HYP 14 N ? ? B LEU 13 B HYP 14 1_555 ? ? ? ? ? ? ? 1.319 ? ? 
covale28 covale both ? B HYP 14 C ? ? ? 1_555 B GLY 15 N ? ? B HYP 14 B GLY 15 1_555 ? ? ? ? ? ? ? 1.321 ? ? 
covale29 covale both ? B PRO 16 C ? ? ? 1_555 B HYP 17 N ? ? B PRO 16 B HYP 17 1_555 ? ? ? ? ? ? ? 1.313 ? ? 
covale30 covale both ? B HYP 17 C ? ? ? 1_555 B GLY 18 N ? ? B HYP 17 B GLY 18 1_555 ? ? ? ? ? ? ? 1.321 ? ? 
covale31 covale both ? B PRO 19 C ? ? ? 1_555 B HYP 20 N ? ? B PRO 19 B HYP 20 1_555 ? ? ? ? ? ? ? 1.320 ? ? 
covale32 covale both ? B HYP 20 C ? ? ? 1_555 B GLY 21 N ? ? B HYP 20 B GLY 21 1_555 ? ? ? ? ? ? ? 1.325 ? ? 
covale33 covale both ? B PRO 22 C ? ? ? 1_555 B HYP 23 N ? ? B PRO 22 B HYP 23 1_555 ? ? ? ? ? ? ? 1.323 ? ? 
covale34 covale both ? B HYP 23 C ? ? ? 1_555 B GLY 24 N ? ? B HYP 23 B GLY 24 1_555 ? ? ? ? ? ? ? 1.322 ? ? 
covale35 covale both ? B PRO 25 C ? ? ? 1_555 B HYP 26 N ? ? B PRO 25 B HYP 26 1_555 ? ? ? ? ? ? ? 1.336 ? ? 
covale36 covale both ? B HYP 26 C ? ? ? 1_555 B GLY 27 N ? ? B HYP 26 B GLY 27 1_555 ? ? ? ? ? ? ? 1.312 ? ? 
covale37 covale both ? B PRO 28 C ? ? ? 1_555 B HYP 29 N ? ? B PRO 28 B HYP 29 1_555 ? ? ? ? ? ? ? 1.326 ? ? 
covale38 covale both ? B HYP 29 C ? ? ? 1_555 B GLY 30 N ? ? B HYP 29 B GLY 30 1_555 ? ? ? ? ? ? ? 1.317 ? ? 
covale39 covale both ? C PRO 1  C ? ? ? 1_555 C HYP 2  N ? ? C PRO 1  C HYP 2  1_555 ? ? ? ? ? ? ? 1.324 ? ? 
covale40 covale both ? C HYP 2  C ? ? ? 1_555 C GLY 3  N ? ? C HYP 2  C GLY 3  1_555 ? ? ? ? ? ? ? 1.342 ? ? 
covale41 covale both ? C PRO 4  C ? ? ? 1_555 C HYP 5  N ? ? C PRO 4  C HYP 5  1_555 ? ? ? ? ? ? ? 1.318 ? ? 
covale42 covale both ? C HYP 5  C ? ? ? 1_555 C GLY 6  N ? ? C HYP 5  C GLY 6  1_555 ? ? ? ? ? ? ? 1.327 ? ? 
covale43 covale both ? C PRO 7  C ? ? ? 1_555 C HYP 8  N ? ? C PRO 7  C HYP 8  1_555 ? ? ? ? ? ? ? 1.320 ? ? 
covale44 covale both ? C HYP 8  C ? ? ? 1_555 C GLY 9  N ? ? C HYP 8  C GLY 9  1_555 ? ? ? ? ? ? ? 1.327 ? ? 
covale45 covale both ? C PRO 10 C ? ? ? 1_555 C HYP 11 N ? ? C PRO 10 C HYP 11 1_555 ? ? ? ? ? ? ? 1.327 ? ? 
covale46 covale both ? C HYP 11 C ? ? ? 1_555 C GLY 12 N ? ? C HYP 11 C GLY 12 1_555 ? ? ? ? ? ? ? 1.320 ? ? 
covale47 covale both ? C LEU 13 C ? ? ? 1_555 C HYP 14 N ? ? C LEU 13 C HYP 14 1_555 ? ? ? ? ? ? ? 1.330 ? ? 
covale48 covale both ? C HYP 14 C ? ? ? 1_555 C GLY 15 N ? ? C HYP 14 C GLY 15 1_555 ? ? ? ? ? ? ? 1.324 ? ? 
covale49 covale both ? C PRO 16 C ? ? ? 1_555 C HYP 17 N ? ? C PRO 16 C HYP 17 1_555 ? ? ? ? ? ? ? 1.326 ? ? 
covale50 covale both ? C HYP 17 C ? ? ? 1_555 C GLY 18 N ? ? C HYP 17 C GLY 18 1_555 ? ? ? ? ? ? ? 1.328 ? ? 
covale51 covale both ? C PRO 19 C ? ? ? 1_555 C HYP 20 N ? ? C PRO 19 C HYP 20 1_555 ? ? ? ? ? ? ? 1.322 ? ? 
covale52 covale both ? C HYP 20 C ? ? ? 1_555 C GLY 21 N ? ? C HYP 20 C GLY 21 1_555 ? ? ? ? ? ? ? 1.334 ? ? 
covale53 covale both ? C PRO 22 C ? ? ? 1_555 C HYP 23 N ? ? C PRO 22 C HYP 23 1_555 ? ? ? ? ? ? ? 1.318 ? ? 
covale54 covale both ? C HYP 23 C ? ? ? 1_555 C GLY 24 N ? ? C HYP 23 C GLY 24 1_555 ? ? ? ? ? ? ? 1.330 ? ? 
covale55 covale both ? C PRO 25 C ? ? ? 1_555 C HYP 26 N ? ? C PRO 25 C HYP 26 1_555 ? ? ? ? ? ? ? 1.332 ? ? 
covale56 covale both ? C HYP 26 C ? ? ? 1_555 C GLY 27 N ? ? C HYP 26 C GLY 27 1_555 ? ? ? ? ? ? ? 1.336 ? ? 
# 
_struct_conn_type.id          covale 
_struct_conn_type.criteria    ? 
_struct_conn_type.reference   ? 
# 
loop_
_struct_site.id 
_struct_site.pdbx_evidence_code 
_struct_site.pdbx_auth_asym_id 
_struct_site.pdbx_auth_comp_id 
_struct_site.pdbx_auth_seq_id 
_struct_site.pdbx_auth_ins_code 
_struct_site.pdbx_num_residues 
_struct_site.details 
AC1 Software A EOH 101 ? 5 'BINDING SITE FOR RESIDUE EOH A 101' 
AC2 Software A EOH 102 ? 6 'BINDING SITE FOR RESIDUE EOH A 102' 
AC3 Software A EOH 103 ? 5 'BINDING SITE FOR RESIDUE EOH A 103' 
# 
loop_
_struct_site_gen.id 
_struct_site_gen.site_id 
_struct_site_gen.pdbx_num_res 
_struct_site_gen.label_comp_id 
_struct_site_gen.label_asym_id 
_struct_site_gen.label_seq_id 
_struct_site_gen.pdbx_auth_ins_code 
_struct_site_gen.auth_comp_id 
_struct_site_gen.auth_asym_id 
_struct_site_gen.auth_seq_id 
_struct_site_gen.label_atom_id 
_struct_site_gen.label_alt_id 
_struct_site_gen.symmetry 
_struct_site_gen.details 
1  AC1 5 HYP A 26 ? HYP A 26   . ? 1_555 ? 
2  AC1 5 GLY A 27 ? GLY A 27   . ? 1_555 ? 
3  AC1 5 PRO A 28 ? PRO A 28   . ? 1_555 ? 
4  AC1 5 HOH G .  ? HOH A 1103 . ? 1_555 ? 
5  AC1 5 HOH G .  ? HOH A 2027 . ? 1_555 ? 
6  AC2 6 LEU A 13 ? LEU A 13   . ? 1_555 ? 
7  AC2 6 HYP A 14 ? HYP A 14   . ? 1_555 ? 
8  AC2 6 GLY A 15 ? GLY A 15   . ? 1_555 ? 
9  AC2 6 PRO A 16 ? PRO A 16   . ? 1_555 ? 
10 AC2 6 HYP C 11 ? HYP C 11   . ? 1_555 ? 
11 AC2 6 HOH I .  ? HOH C 3001 . ? 1_555 ? 
12 AC3 5 HYP A 23 ? HYP A 23   . ? 1_555 ? 
13 AC3 5 HOH G .  ? HOH A 1015 . ? 1_555 ? 
14 AC3 5 HOH G .  ? HOH A 1064 . ? 1_555 ? 
15 AC3 5 HOH I .  ? HOH C 1025 . ? 1_455 ? 
16 AC3 5 HOH I .  ? HOH C 2006 . ? 1_455 ? 
# 
_atom_sites.entry_id                    2DRT 
_atom_sites.fract_transf_matrix[1][1]   0.00286559 
_atom_sites.fract_transf_matrix[1][2]   0.00880189 
_atom_sites.fract_transf_matrix[1][3]   0.07036658 
_atom_sites.fract_transf_matrix[2][1]   -0.02902925 
_atom_sites.fract_transf_matrix[2][2]   -0.02772020 
_atom_sites.fract_transf_matrix[2][3]   0.00464959 
_atom_sites.fract_transf_matrix[3][1]   0.00823129 
_atom_sites.fract_transf_matrix[3][2]   -0.00846368 
_atom_sites.fract_transf_matrix[3][3]   0.00093201 
_atom_sites.fract_transf_vector[1]      0.266774 
_atom_sites.fract_transf_vector[2]      0.005242 
_atom_sites.fract_transf_vector[3]      0.008418 
# 
loop_
_atom_type.symbol 
C 
N 
O 
# 
loop_
_atom_site.group_PDB 
_atom_site.id 
_atom_site.type_symbol 
_atom_site.label_atom_id 
_atom_site.label_alt_id 
_atom_site.label_comp_id 
_atom_site.label_asym_id 
_atom_site.label_entity_id 
_atom_site.label_seq_id 
_atom_site.pdbx_PDB_ins_code 
_atom_site.Cartn_x 
_atom_site.Cartn_y 
_atom_site.Cartn_z 
_atom_site.occupancy 
_atom_site.B_iso_or_equiv 
_atom_site.pdbx_formal_charge 
_atom_site.auth_seq_id 
_atom_site.auth_comp_id 
_atom_site.auth_asym_id 
_atom_site.auth_atom_id 
_atom_site.pdbx_PDB_model_num 
HETATM 1   N N   . HYP A 1 2  ? -28.201 28.717  -9.738  0.50 64.92 ? 2    HYP A N   1 
HETATM 2   C CA  . HYP A 1 2  ? -27.974 27.840  -8.583  0.50 58.49 ? 2    HYP A CA  1 
HETATM 3   C C   . HYP A 1 2  ? -26.762 28.266  -7.767  0.50 47.61 ? 2    HYP A C   1 
HETATM 4   O O   . HYP A 1 2  ? -25.923 29.064  -8.193  0.50 41.40 ? 2    HYP A O   1 
HETATM 5   C CB  . HYP A 1 2  ? -27.700 26.476  -9.228  0.50 59.86 ? 2    HYP A CB  1 
HETATM 6   C CG  . HYP A 1 2  ? -28.414 26.551  -10.541 0.50 59.25 ? 2    HYP A CG  1 
HETATM 7   C CD  . HYP A 1 2  ? -28.226 27.972  -11.011 0.50 61.83 ? 2    HYP A CD  1 
HETATM 8   O OD1 . HYP A 1 2  ? -29.786 26.352  -10.290 0.50 50.67 ? 2    HYP A OD1 1 
ATOM   9   N N   . GLY A 1 3  ? -26.644 27.721  -6.554  1.00 38.10 ? 3    GLY A N   1 
ATOM   10  C CA  . GLY A 1 3  ? -25.455 28.018  -5.769  1.00 30.88 ? 3    GLY A CA  1 
ATOM   11  C C   . GLY A 1 3  ? -24.183 27.495  -6.420  1.00 27.84 ? 3    GLY A C   1 
ATOM   12  O O   . GLY A 1 3  ? -24.173 26.750  -7.394  1.00 27.31 ? 3    GLY A O   1 
ATOM   13  N N   . PRO A 1 4  ? -23.033 27.865  -5.870  1.00 26.48 ? 4    PRO A N   1 
ATOM   14  C CA  . PRO A 1 4  ? -21.773 27.369  -6.412  1.00 19.60 ? 4    PRO A CA  1 
ATOM   15  C C   . PRO A 1 4  ? -21.585 25.909  -5.995  1.00 17.07 ? 4    PRO A C   1 
ATOM   16  O O   . PRO A 1 4  ? -22.326 25.443  -5.128  1.00 19.19 ? 4    PRO A O   1 
ATOM   17  C CB  . PRO A 1 4  ? -20.717 28.239  -5.753  1.00 24.66 ? 4    PRO A CB  1 
ATOM   18  C CG  . PRO A 1 4  ? -21.442 29.263  -4.952  1.00 31.14 ? 4    PRO A CG  1 
ATOM   19  C CD  . PRO A 1 4  ? -22.829 28.737  -4.702  1.00 28.71 ? 4    PRO A CD  1 
HETATM 20  N N   . HYP A 1 5  ? -20.634 25.223  -6.608  1.00 18.09 ? 5    HYP A N   1 
HETATM 21  C CA  . HYP A 1 5  ? -20.310 23.838  -6.242  1.00 13.63 ? 5    HYP A CA  1 
HETATM 22  C C   . HYP A 1 5  ? -19.791 23.788  -4.811  1.00 17.95 ? 5    HYP A C   1 
HETATM 23  O O   . HYP A 1 5  ? -19.248 24.753  -4.273  1.00 16.57 ? 5    HYP A O   1 
HETATM 24  C CB  . HYP A 1 5  ? -19.239 23.447  -7.252  1.00 18.10 ? 5    HYP A CB  1 
HETATM 25  C CG  . HYP A 1 5  ? -19.409 24.384  -8.397  1.00 13.68 ? 5    HYP A CG  1 
HETATM 26  C CD  . HYP A 1 5  ? -19.798 25.688  -7.739  1.00 22.93 ? 5    HYP A CD  1 
HETATM 27  O OD1 . HYP A 1 5  ? -20.450 24.028  -9.255  1.00 22.70 ? 5    HYP A OD1 1 
ATOM   28  N N   . GLY A 1 6  ? -19.959 22.632  -4.193  1.00 14.26 ? 6    GLY A N   1 
ATOM   29  C CA  . GLY A 1 6  ? -19.498 22.435  -2.837  1.00 17.91 ? 6    GLY A CA  1 
ATOM   30  C C   . GLY A 1 6  ? -17.993 22.263  -2.807  1.00 13.43 ? 6    GLY A C   1 
ATOM   31  O O   . GLY A 1 6  ? -17.321 22.311  -3.844  1.00 10.93 ? 6    GLY A O   1 
ATOM   32  N N   . PRO A 1 7  ? -17.466 22.065  -1.615  1.00 11.25 ? 7    PRO A N   1 
ATOM   33  C CA  . PRO A 1 7  ? -16.049 21.789  -1.425  1.00 13.83 ? 7    PRO A CA  1 
ATOM   34  C C   . PRO A 1 7  ? -15.661 20.442  -2.024  1.00 17.79 ? 7    PRO A C   1 
ATOM   35  O O   . PRO A 1 7  ? -16.525 19.603  -2.272  1.00 14.64 ? 7    PRO A O   1 
ATOM   36  C CB  . PRO A 1 7  ? -15.874 21.715  0.095   1.00 16.68 ? 7    PRO A CB  1 
ATOM   37  C CG  . PRO A 1 7  ? -17.086 22.392  0.649   1.00 19.33 ? 7    PRO A CG  1 
ATOM   38  C CD  . PRO A 1 7  ? -18.194 22.088  -0.328  1.00 18.13 ? 7    PRO A CD  1 
HETATM 39  N N   . HYP A 1 8  ? -14.377 20.225  -2.262  1.00 11.54 ? 8    HYP A N   1 
HETATM 40  C CA  . HYP A 1 8  ? -13.870 18.907  -2.622  1.00 11.42 ? 8    HYP A CA  1 
HETATM 41  C C   . HYP A 1 8  ? -14.266 17.885  -1.557  1.00 18.62 ? 8    HYP A C   1 
HETATM 42  O O   . HYP A 1 8  ? -14.421 18.176  -0.363  1.00 14.76 ? 8    HYP A O   1 
HETATM 43  C CB  . HYP A 1 8  ? -12.349 19.097  -2.631  1.00 16.87 ? 8    HYP A CB  1 
HETATM 44  C CG  . HYP A 1 8  ? -12.184 20.543  -2.941  1.00 12.49 ? 8    HYP A CG  1 
HETATM 45  C CD  . HYP A 1 8  ? -13.299 21.237  -2.202  1.00 13.00 ? 8    HYP A CD  1 
HETATM 46  O OD1 . HYP A 1 8  ? -12.382 20.791  -4.324  1.00 11.67 ? 8    HYP A OD1 1 
ATOM   47  N N   . GLY A 1 9  ? -14.451 16.637  -2.001  1.00 11.58 ? 9    GLY A N   1 
ATOM   48  C CA  . GLY A 1 9  ? -14.850 15.610  -1.045  1.00 14.30 ? 9    GLY A CA  1 
ATOM   49  C C   . GLY A 1 9  ? -13.712 15.122  -0.182  1.00 9.33  ? 9    GLY A C   1 
ATOM   50  O O   . GLY A 1 9  ? -12.566 15.585  -0.331  1.00 10.32 ? 9    GLY A O   1 
ATOM   51  N N   . PRO A 1 10 ? -13.972 14.215  0.737   1.00 11.20 ? 10   PRO A N   1 
ATOM   52  C CA  . PRO A 1 10 ? -12.957 13.703  1.671   1.00 12.09 ? 10   PRO A CA  1 
ATOM   53  C C   . PRO A 1 10 ? -11.881 12.933  0.936   1.00 12.22 ? 10   PRO A C   1 
ATOM   54  O O   . PRO A 1 10 ? -12.081 12.365  -0.136  1.00 10.67 ? 10   PRO A O   1 
ATOM   55  C CB  . PRO A 1 10 ? -13.765 12.758  2.580   1.00 14.52 ? 10   PRO A CB  1 
ATOM   56  C CG  . PRO A 1 10 ? -15.159 13.325  2.474   1.00 14.07 ? 10   PRO A CG  1 
ATOM   57  C CD  . PRO A 1 10 ? -15.292 13.578  0.990   1.00 10.51 ? 10   PRO A CD  1 
HETATM 58  N N   . HYP A 1 11 ? -10.674 12.848  1.478   1.00 11.30 ? 11   HYP A N   1 
HETATM 59  C CA  . HYP A 1 11 ? -9.654  11.983  0.891   1.00 13.23 ? 11   HYP A CA  1 
HETATM 60  C C   . HYP A 1 11 ? -10.122 10.536  0.826   1.00 17.02 ? 11   HYP A C   1 
HETATM 61  O O   . HYP A 1 11 ? -10.899 10.046  1.653   1.00 14.70 ? 11   HYP A O   1 
HETATM 62  C CB  . HYP A 1 11 ? -8.495  12.113  1.884   1.00 14.83 ? 11   HYP A CB  1 
HETATM 63  C CG  . HYP A 1 11 ? -8.711  13.443  2.552   1.00 12.46 ? 11   HYP A CG  1 
HETATM 64  C CD  . HYP A 1 11 ? -10.197 13.577  2.668   1.00 14.12 ? 11   HYP A CD  1 
HETATM 65  O OD1 . HYP A 1 11 ? -8.234  14.471  1.738   1.00 14.92 ? 11   HYP A OD1 1 
ATOM   66  N N   . GLY A 1 12 ? -9.669  9.786   -0.176  1.00 11.85 ? 12   GLY A N   1 
ATOM   67  C CA  . GLY A 1 12 ? -10.004 8.384   -0.302  1.00 16.32 ? 12   GLY A CA  1 
ATOM   68  C C   . GLY A 1 12 ? -9.402  7.537   0.809   1.00 11.93 ? 12   GLY A C   1 
ATOM   69  O O   . GLY A 1 12 ? -8.608  8.025   1.619   1.00 13.09 ? 12   GLY A O   1 
ATOM   70  N N   . LEU A 1 13 ? -9.779  6.275   0.849   1.00 9.30  ? 13   LEU A N   1 
ATOM   71  C CA  . LEU A 1 13 ? -9.212  5.293   1.739   1.00 11.62 ? 13   LEU A CA  1 
ATOM   72  C C   . LEU A 1 13 ? -7.756  4.971   1.437   1.00 17.68 ? 13   LEU A C   1 
ATOM   73  O O   . LEU A 1 13 ? -7.317  5.185   0.296   1.00 11.67 ? 13   LEU A O   1 
ATOM   74  C CB  . LEU A 1 13 ? -10.009 4.001   1.550   1.00 18.80 ? 13   LEU A CB  1 
ATOM   75  C CG  . LEU A 1 13 ? -11.440 4.005   2.075   1.00 25.40 ? 13   LEU A CG  1 
ATOM   76  C CD1 . LEU A 1 13 ? -12.044 2.623   1.875   1.00 21.98 ? 13   LEU A CD1 1 
ATOM   77  C CD2 . LEU A 1 13 ? -11.484 4.415   3.541   1.00 25.64 ? 13   LEU A CD2 1 
HETATM 78  N N   . HYP A 1 14 ? -7.014  4.416   2.374   1.00 10.56 ? 14   HYP A N   1 
HETATM 79  C CA  . HYP A 1 14 ? -5.639  4.009   2.107   1.00 10.17 ? 14   HYP A CA  1 
HETATM 80  C C   . HYP A 1 14 ? -5.686  2.941   1.019   1.00 16.27 ? 14   HYP A C   1 
HETATM 81  O O   . HYP A 1 14 ? -6.682  2.213   0.914   1.00 15.56 ? 14   HYP A O   1 
HETATM 82  C CB  . HYP A 1 14 ? -5.152  3.402   3.425   1.00 14.72 ? 14   HYP A CB  1 
HETATM 83  C CG  . HYP A 1 14 ? -6.042  4.038   4.440   1.00 16.90 ? 14   HYP A CG  1 
HETATM 84  C CD  . HYP A 1 14 ? -7.375  4.095   3.764   1.00 10.85 ? 14   HYP A CD  1 
HETATM 85  O OD1 . HYP A 1 14 ? -5.569  5.356   4.690   1.00 13.79 ? 14   HYP A OD1 1 
ATOM   86  N N   . GLY A 1 15 ? -4.641  2.842   0.230   1.00 10.40 ? 15   GLY A N   1 
ATOM   87  C CA  . GLY A 1 15 ? -4.544  1.806   -0.778  1.00 10.29 ? 15   GLY A CA  1 
ATOM   88  C C   . GLY A 1 15 ? -4.413  0.439   -0.129  1.00 15.64 ? 15   GLY A C   1 
ATOM   89  O O   . GLY A 1 15 ? -4.366  0.177   1.073   1.00 11.23 ? 15   GLY A O   1 
ATOM   90  N N   . PRO A 1 16 ? -4.343  -0.583  -0.979  1.00 11.03 ? 16   PRO A N   1 
ATOM   91  C CA  . PRO A 1 16 ? -4.152  -1.949  -0.490  1.00 12.09 ? 16   PRO A CA  1 
ATOM   92  C C   . PRO A 1 16 ? -2.749  -2.211  0.022   1.00 15.98 ? 16   PRO A C   1 
ATOM   93  O O   . PRO A 1 16 ? -1.805  -1.453  -0.244  1.00 13.71 ? 16   PRO A O   1 
ATOM   94  C CB  . PRO A 1 16 ? -4.433  -2.782  -1.747  1.00 13.74 ? 16   PRO A CB  1 
ATOM   95  C CG  . PRO A 1 16 ? -4.180  -1.876  -2.893  1.00 9.77  ? 16   PRO A CG  1 
ATOM   96  C CD  . PRO A 1 16 ? -4.484  -0.496  -2.447  1.00 8.20  ? 16   PRO A CD  1 
HETATM 97  N N   . HYP A 1 17 ? -2.605  -3.284  0.790   1.00 12.24 ? 17   HYP A N   1 
HETATM 98  C CA  . HYP A 1 17 ? -1.280  -3.683  1.284   1.00 13.25 ? 17   HYP A CA  1 
HETATM 99  C C   . HYP A 1 17 ? -0.308  -3.787  0.126   1.00 9.51  ? 17   HYP A C   1 
HETATM 100 O O   . HYP A 1 17 ? -0.677  -4.184  -0.984  1.00 10.42 ? 17   HYP A O   1 
HETATM 101 C CB  . HYP A 1 17 ? -1.557  -5.059  1.902   1.00 16.69 ? 17   HYP A CB  1 
HETATM 102 C CG  . HYP A 1 17 ? -2.985  -4.941  2.367   1.00 13.56 ? 17   HYP A CG  1 
HETATM 103 C CD  . HYP A 1 17 ? -3.668  -4.212  1.257   1.00 10.47 ? 17   HYP A CD  1 
HETATM 104 O OD1 . HYP A 1 17 ? -3.037  -4.152  3.527   1.00 18.35 ? 17   HYP A OD1 1 
ATOM   105 N N   . GLY A 1 18 ? 0.958   -3.450  0.362   1.00 9.97  ? 18   GLY A N   1 
ATOM   106 C CA  . GLY A 1 18 ? 1.984   -3.675  -0.636  1.00 11.53 ? 18   GLY A CA  1 
ATOM   107 C C   . GLY A 1 18 ? 2.284   -5.157  -0.758  1.00 10.60 ? 18   GLY A C   1 
ATOM   108 O O   . GLY A 1 18 ? 1.831   -6.012  0.019   1.00 9.48  ? 18   GLY A O   1 
ATOM   109 N N   . PRO A 1 19 ? 3.077   -5.513  -1.764  1.00 12.05 ? 19   PRO A N   1 
ATOM   110 C CA  . PRO A 1 19 ? 3.419   -6.922  -1.945  1.00 13.91 ? 19   PRO A CA  1 
ATOM   111 C C   . PRO A 1 19 ? 4.498   -7.415  -0.976  1.00 13.46 ? 19   PRO A C   1 
ATOM   112 O O   . PRO A 1 19 ? 5.210   -6.647  -0.320  1.00 9.23  ? 19   PRO A O   1 
ATOM   113 C CB  . PRO A 1 19 ? 3.991   -6.972  -3.366  1.00 14.81 ? 19   PRO A CB  1 
ATOM   114 C CG  . PRO A 1 19 ? 4.524   -5.601  -3.582  1.00 16.04 ? 19   PRO A CG  1 
ATOM   115 C CD  . PRO A 1 19 ? 3.710   -4.645  -2.773  1.00 13.87 ? 19   PRO A CD  1 
HETATM 116 N N   . HYP A 1 20 ? 4.618   -8.738  -0.909  1.00 9.79  ? 20   HYP A N   1 
HETATM 117 C CA  . HYP A 1 20 ? 5.703   -9.385  -0.191  1.00 9.79  ? 20   HYP A CA  1 
HETATM 118 C C   . HYP A 1 20 ? 7.056   -8.802  -0.630  1.00 11.84 ? 20   HYP A C   1 
HETATM 119 O O   . HYP A 1 20 ? 7.257   -8.540  -1.818  1.00 10.85 ? 20   HYP A O   1 
HETATM 120 C CB  . HYP A 1 20 ? 5.564   -10.860 -0.598  1.00 15.74 ? 20   HYP A CB  1 
HETATM 121 C CG  . HYP A 1 20 ? 4.087   -11.021 -0.836  1.00 11.63 ? 20   HYP A CG  1 
HETATM 122 C CD  . HYP A 1 20 ? 3.721   -9.739  -1.536  1.00 11.74 ? 20   HYP A CD  1 
HETATM 123 O OD1 . HYP A 1 20 ? 3.366   -11.083 0.382   1.00 14.03 ? 20   HYP A OD1 1 
ATOM   124 N N   . GLY A 1 21 ? 7.939   -8.616  0.355   1.00 10.72 ? 21   GLY A N   1 
ATOM   125 C CA  . GLY A 1 21 ? 9.303   -8.186  0.113   1.00 13.37 ? 21   GLY A CA  1 
ATOM   126 C C   . GLY A 1 21 ? 10.041  -9.299  -0.609  1.00 16.29 ? 21   GLY A C   1 
ATOM   127 O O   . GLY A 1 21 ? 9.524   -10.384 -0.888  1.00 12.80 ? 21   GLY A O   1 
ATOM   128 N N   . PRO A 1 22 ? 11.293  -8.994  -0.932  1.00 13.76 ? 22   PRO A N   1 
ATOM   129 C CA  . PRO A 1 22 ? 12.149  -9.964  -1.601  1.00 11.12 ? 22   PRO A CA  1 
ATOM   130 C C   . PRO A 1 22 ? 12.431  -11.192 -0.757  1.00 12.13 ? 22   PRO A C   1 
ATOM   131 O O   . PRO A 1 22 ? 12.355  -11.181 0.475   1.00 11.92 ? 22   PRO A O   1 
ATOM   132 C CB  . PRO A 1 22 ? 13.433  -9.131  -1.841  1.00 12.35 ? 22   PRO A CB  1 
ATOM   133 C CG  . PRO A 1 22 ? 12.991  -7.710  -1.804  1.00 14.45 ? 22   PRO A CG  1 
ATOM   134 C CD  . PRO A 1 22 ? 11.958  -7.698  -0.714  1.00 15.23 ? 22   PRO A CD  1 
HETATM 135 N N   . HYP A 1 23 ? 12.797  -12.277 -1.440  1.00 12.31 ? 23   HYP A N   1 
HETATM 136 C CA  . HYP A 1 23 ? 13.306  -13.454 -0.746  1.00 14.05 ? 23   HYP A CA  1 
HETATM 137 C C   . HYP A 1 23 ? 14.486  -13.024 0.121   1.00 12.67 ? 23   HYP A C   1 
HETATM 138 O O   . HYP A 1 23 ? 15.250  -12.109 -0.260  1.00 12.65 ? 23   HYP A O   1 
HETATM 139 C CB  . HYP A 1 23 ? 13.770  -14.389 -1.865  1.00 16.10 ? 23   HYP A CB  1 
HETATM 140 C CG  . HYP A 1 23 ? 12.893  -13.981 -3.011  1.00 15.60 ? 23   HYP A CG  1 
HETATM 141 C CD  . HYP A 1 23 ? 12.788  -12.483 -2.899  1.00 11.62 ? 23   HYP A CD  1 
HETATM 142 O OD1 . HYP A 1 23 ? 11.588  -14.520 -2.847  1.00 12.79 ? 23   HYP A OD1 1 
ATOM   143 N N   . GLY A 1 24 ? 14.582  -13.710 1.234   1.00 12.66 ? 24   GLY A N   1 
ATOM   144 C CA  . GLY A 1 24 ? 15.667  -13.533 2.180   1.00 14.16 ? 24   GLY A CA  1 
ATOM   145 C C   . GLY A 1 24 ? 16.987  -14.004 1.597   1.00 15.96 ? 24   GLY A C   1 
ATOM   146 O O   . GLY A 1 24 ? 17.030  -14.645 0.551   1.00 12.54 ? 24   GLY A O   1 
ATOM   147 N N   . PRO A 1 25 ? 18.066  -13.704 2.320   1.00 15.35 ? 25   PRO A N   1 
ATOM   148 C CA  . PRO A 1 25 ? 19.392  -14.169 1.935   1.00 18.48 ? 25   PRO A CA  1 
ATOM   149 C C   . PRO A 1 25 ? 19.559  -15.679 2.151   1.00 19.50 ? 25   PRO A C   1 
ATOM   150 O O   . PRO A 1 25 ? 18.746  -16.293 2.854   1.00 12.23 ? 25   PRO A O   1 
ATOM   151 C CB  . PRO A 1 25 ? 20.318  -13.418 2.898   1.00 26.68 ? 25   PRO A CB  1 
ATOM   152 C CG  . PRO A 1 25 ? 19.494  -12.549 3.771   1.00 22.12 ? 25   PRO A CG  1 
ATOM   153 C CD  . PRO A 1 25 ? 18.061  -12.902 3.549   1.00 13.68 ? 25   PRO A CD  1 
HETATM 154 N N   . HYP A 1 26 ? 20.612  -16.261 1.586   1.00 27.47 ? 26   HYP A N   1 
HETATM 155 C CA  . HYP A 1 26 ? 20.920  -17.686 1.745   1.00 19.99 ? 26   HYP A CA  1 
HETATM 156 C C   . HYP A 1 26 ? 21.050  -18.080 3.199   1.00 23.53 ? 26   HYP A C   1 
HETATM 157 O O   . HYP A 1 26 ? 21.481  -17.227 3.991   1.00 19.27 ? 26   HYP A O   1 
HETATM 158 C CB  . HYP A 1 26 ? 22.300  -17.799 1.082   1.00 27.07 ? 26   HYP A CB  1 
HETATM 159 C CG  . HYP A 1 26 ? 22.211  -16.763 0.003   1.00 25.94 ? 26   HYP A CG  1 
HETATM 160 C CD  . HYP A 1 26 ? 21.626  -15.584 0.736   1.00 29.58 ? 26   HYP A CD  1 
HETATM 161 O OD1 . HYP A 1 26 ? 21.247  -17.204 -0.936  1.00 21.94 ? 26   HYP A OD1 1 
ATOM   162 N N   . GLY A 1 27 ? 20.718  -19.320 3.563   1.00 17.83 ? 27   GLY A N   1 
ATOM   163 C CA  . GLY A 1 27 ? 20.905  -19.671 4.980   1.00 22.71 ? 27   GLY A CA  1 
ATOM   164 C C   . GLY A 1 27 ? 22.345  -19.969 5.338   1.00 21.33 ? 27   GLY A C   1 
ATOM   165 O O   . GLY A 1 27 ? 23.230  -19.780 4.499   1.00 19.89 ? 27   GLY A O   1 
ATOM   166 N N   . PRO A 1 28 ? 22.675  -20.432 6.546   1.00 25.36 ? 28   PRO A N   1 
ATOM   167 C CA  . PRO A 1 28 ? 24.086  -20.751 6.851   1.00 23.18 ? 28   PRO A CA  1 
ATOM   168 C C   . PRO A 1 28 ? 24.536  -22.028 6.149   1.00 33.73 ? 28   PRO A C   1 
ATOM   169 O O   . PRO A 1 28 ? 23.714  -22.867 5.761   1.00 26.93 ? 28   PRO A O   1 
ATOM   170 C CB  . PRO A 1 28 ? 24.076  -20.900 8.376   1.00 26.81 ? 28   PRO A CB  1 
ATOM   171 C CG  . PRO A 1 28 ? 22.702  -21.408 8.675   1.00 34.28 ? 28   PRO A CG  1 
ATOM   172 C CD  . PRO A 1 28 ? 21.799  -20.695 7.701   1.00 33.35 ? 28   PRO A CD  1 
HETATM 173 N N   . HYP A 1 29 ? 25.847  -22.179 5.947   1.00 42.97 ? 29   HYP A N   1 
HETATM 174 C CA  . HYP A 1 29 ? 26.405  -23.367 5.291   1.00 45.17 ? 29   HYP A CA  1 
HETATM 175 C C   . HYP A 1 29 ? 26.020  -24.667 5.989   1.00 38.59 ? 29   HYP A C   1 
HETATM 176 O O   . HYP A 1 29 ? 25.769  -24.680 7.189   1.00 46.91 ? 29   HYP A O   1 
HETATM 177 C CB  . HYP A 1 29 ? 27.920  -23.192 5.423   1.00 40.59 ? 29   HYP A CB  1 
HETATM 178 C CG  . HYP A 1 29 ? 28.118  -21.729 5.598   1.00 35.38 ? 29   HYP A CG  1 
HETATM 179 C CD  . HYP A 1 29 ? 26.900  -21.217 6.313   1.00 37.80 ? 29   HYP A CD  1 
HETATM 180 O OD1 . HYP A 1 29 ? 28.177  -21.126 4.326   1.00 42.61 ? 29   HYP A OD1 1 
ATOM   181 N N   . GLY A 1 30 ? 25.982  -25.762 5.237   1.00 40.85 ? 30   GLY A N   1 
ATOM   182 C CA  . GLY A 1 30 ? 25.710  -27.063 5.817   1.00 51.29 ? 30   GLY A CA  1 
ATOM   183 C C   . GLY A 1 30 ? 26.739  -27.441 6.868   1.00 58.63 ? 30   GLY A C   1 
ATOM   184 O O   . GLY A 1 30 ? 27.863  -26.894 6.842   1.00 59.26 ? 30   GLY A O   1 
ATOM   185 O OXT . GLY A 1 30 ? 26.421  -28.291 7.727   1.00 81.76 ? 30   GLY A OXT 1 
HETATM 186 N N   . HYP B 1 2  ? -29.357 24.523  -3.373  1.00 50.87 ? 2    HYP B N   1 
HETATM 187 C CA  . HYP B 1 2  ? -27.898 24.403  -3.346  1.00 39.47 ? 2    HYP B CA  1 
HETATM 188 C C   . HYP B 1 2  ? -27.287 24.076  -4.698  1.00 32.68 ? 2    HYP B C   1 
HETATM 189 O O   . HYP B 1 2  ? -27.893 23.486  -5.594  1.00 26.80 ? 2    HYP B O   1 
HETATM 190 C CB  . HYP B 1 2  ? -27.667 23.211  -2.405  1.00 34.48 ? 2    HYP B CB  1 
HETATM 191 C CG  . HYP B 1 2  ? -28.856 23.253  -1.499  1.00 49.66 ? 2    HYP B CG  1 
HETATM 192 C CD  . HYP B 1 2  ? -30.010 23.630  -2.399  1.00 52.96 ? 2    HYP B CD  1 
HETATM 193 O OD1 . HYP B 1 2  ? -28.694 24.287  -0.559  1.00 47.33 ? 2    HYP B OD1 1 
ATOM   194 N N   . GLY B 1 3  ? -26.027 24.509  -4.797  1.00 24.51 ? 3    GLY B N   1 
ATOM   195 C CA  . GLY B 1 3  ? -25.293 24.211  -6.027  1.00 20.81 ? 3    GLY B CA  1 
ATOM   196 C C   . GLY B 1 3  ? -25.059 22.716  -6.123  1.00 21.07 ? 3    GLY B C   1 
ATOM   197 O O   . GLY B 1 3  ? -25.532 21.892  -5.344  1.00 16.61 ? 3    GLY B O   1 
ATOM   198 N N   . PRO B 1 4  ? -24.274 22.323  -7.123  1.00 19.48 ? 4    PRO B N   1 
ATOM   199 C CA  . PRO B 1 4  ? -24.004 20.892  -7.284  1.00 17.09 ? 4    PRO B CA  1 
ATOM   200 C C   . PRO B 1 4  ? -22.991 20.375  -6.285  1.00 12.51 ? 4    PRO B C   1 
ATOM   201 O O   . PRO B 1 4  ? -22.279 21.159  -5.645  1.00 16.11 ? 4    PRO B O   1 
ATOM   202 C CB  . PRO B 1 4  ? -23.425 20.838  -8.696  1.00 28.55 ? 4    PRO B CB  1 
ATOM   203 C CG  . PRO B 1 4  ? -23.127 22.219  -9.149  1.00 23.10 ? 4    PRO B CG  1 
ATOM   204 C CD  . PRO B 1 4  ? -23.611 23.176  -8.107  1.00 27.31 ? 4    PRO B CD  1 
HETATM 205 N N   . HYP B 1 5  ? -22.854 19.068  -6.128  1.00 13.94 ? 5    HYP B N   1 
HETATM 206 C CA  . HYP B 1 5  ? -21.797 18.512  -5.297  1.00 14.39 ? 5    HYP B CA  1 
HETATM 207 C C   . HYP B 1 5  ? -20.420 19.016  -5.762  1.00 13.70 ? 5    HYP B C   1 
HETATM 208 O O   . HYP B 1 5  ? -20.212 19.272  -6.946  1.00 13.17 ? 5    HYP B O   1 
HETATM 209 C CB  . HYP B 1 5  ? -21.891 16.996  -5.494  1.00 14.04 ? 5    HYP B CB  1 
HETATM 210 C CG  . HYP B 1 5  ? -23.308 16.781  -5.975  1.00 12.11 ? 5    HYP B CG  1 
HETATM 211 C CD  . HYP B 1 5  ? -23.668 18.011  -6.758  1.00 14.10 ? 5    HYP B CD  1 
HETATM 212 O OD1 . HYP B 1 5  ? -24.103 16.791  -4.810  1.00 15.69 ? 5    HYP B OD1 1 
ATOM   213 N N   . GLY B 1 6  ? -19.518 19.137  -4.813  1.00 12.84 ? 6    GLY B N   1 
ATOM   214 C CA  . GLY B 1 6  ? -18.141 19.550  -5.028  1.00 10.70 ? 6    GLY B CA  1 
ATOM   215 C C   . GLY B 1 6  ? -17.393 18.496  -5.816  1.00 16.17 ? 6    GLY B C   1 
ATOM   216 O O   . GLY B 1 6  ? -17.863 17.403  -6.130  1.00 13.32 ? 6    GLY B O   1 
ATOM   217 N N   . PRO B 1 7  ? -16.158 18.830  -6.162  1.00 16.54 ? 7    PRO B N   1 
ATOM   218 C CA  . PRO B 1 7  ? -15.258 17.888  -6.813  1.00 16.17 ? 7    PRO B CA  1 
ATOM   219 C C   . PRO B 1 7  ? -14.981 16.653  -5.973  1.00 13.26 ? 7    PRO B C   1 
ATOM   220 O O   . PRO B 1 7  ? -15.058 16.642  -4.739  1.00 12.00 ? 7    PRO B O   1 
ATOM   221 C CB  . PRO B 1 7  ? -13.963 18.713  -6.966  1.00 9.91  ? 7    PRO B CB  1 
ATOM   222 C CG  . PRO B 1 7  ? -14.403 20.128  -6.916  1.00 10.67 ? 7    PRO B CG  1 
ATOM   223 C CD  . PRO B 1 7  ? -15.555 20.168  -5.954  1.00 15.74 ? 7    PRO B CD  1 
HETATM 224 N N   . HYP B 1 8  ? -14.619 15.529  -6.594  1.00 9.74  ? 8    HYP B N   1 
HETATM 225 C CA  . HYP B 1 8  ? -14.181 14.370  -5.828  1.00 13.60 ? 8    HYP B CA  1 
HETATM 226 C C   . HYP B 1 8  ? -12.957 14.724  -4.983  1.00 12.47 ? 8    HYP B C   1 
HETATM 227 O O   . HYP B 1 8  ? -12.152 15.593  -5.336  1.00 11.24 ? 8    HYP B O   1 
HETATM 228 C CB  . HYP B 1 8  ? -13.828 13.328  -6.872  1.00 18.86 ? 8    HYP B CB  1 
HETATM 229 C CG  . HYP B 1 8  ? -14.540 13.801  -8.090  1.00 11.86 ? 8    HYP B CG  1 
HETATM 230 C CD  . HYP B 1 8  ? -14.585 15.296  -8.050  1.00 15.44 ? 8    HYP B CD  1 
HETATM 231 O OD1 . HYP B 1 8  ? -15.854 13.338  -8.120  1.00 12.16 ? 8    HYP B OD1 1 
ATOM   232 N N   . GLY B 1 9  ? -12.848 14.040  -3.849  1.00 11.82 ? 9    GLY B N   1 
ATOM   233 C CA  . GLY B 1 9  ? -11.716 14.199  -2.970  1.00 12.76 ? 9    GLY B CA  1 
ATOM   234 C C   . GLY B 1 9  ? -10.421 13.698  -3.589  1.00 12.87 ? 9    GLY B C   1 
ATOM   235 O O   . GLY B 1 9  ? -10.356 13.037  -4.631  1.00 13.46 ? 9    GLY B O   1 
ATOM   236 N N   . PRO B 1 10 ? -9.318  14.025  -2.917  1.00 15.24 ? 10   PRO B N   1 
ATOM   237 C CA  . PRO B 1 10 ? -8.024  13.540  -3.394  1.00 14.24 ? 10   PRO B CA  1 
ATOM   238 C C   . PRO B 1 10 ? -7.837  12.063  -3.115  1.00 11.80 ? 10   PRO B C   1 
ATOM   239 O O   . PRO B 1 10 ? -8.578  11.427  -2.348  1.00 13.61 ? 10   PRO B O   1 
ATOM   240 C CB  . PRO B 1 10 ? -7.032  14.374  -2.581  1.00 22.10 ? 10   PRO B CB  1 
ATOM   241 C CG  . PRO B 1 10 ? -7.767  14.737  -1.326  1.00 20.06 ? 10   PRO B CG  1 
ATOM   242 C CD  . PRO B 1 10 ? -9.221  14.856  -1.702  1.00 16.27 ? 10   PRO B CD  1 
HETATM 243 N N   . HYP B 1 11 ? -6.833  11.463  -3.755  1.00 14.84 ? 11   HYP B N   1 
HETATM 244 C CA  . HYP B 1 11 ? -6.490  10.061  -3.521  1.00 19.20 ? 11   HYP B CA  1 
HETATM 245 C C   . HYP B 1 11 ? -6.160  9.771   -2.064  1.00 19.32 ? 11   HYP B C   1 
HETATM 246 O O   . HYP B 1 11 ? -5.636  10.665  -1.397  1.00 16.78 ? 11   HYP B O   1 
HETATM 247 C CB  . HYP B 1 11 ? -5.175  9.885   -4.296  1.00 21.17 ? 11   HYP B CB  1 
HETATM 248 C CG  . HYP B 1 11 ? -5.303  10.888  -5.402  1.00 16.82 ? 11   HYP B CG  1 
HETATM 249 C CD  . HYP B 1 11 ? -5.938  12.087  -4.741  1.00 21.90 ? 11   HYP B CD  1 
HETATM 250 O OD1 . HYP B 1 11 ? -6.261  10.371  -6.284  1.00 18.72 ? 11   HYP B OD1 1 
ATOM   251 N N   . GLY B 1 12 ? -6.424  8.562   -1.556  1.00 11.09 ? 12   GLY B N   1 
ATOM   252 C CA  . GLY B 1 12 ? -5.975  8.242   -0.209  1.00 10.43 ? 12   GLY B CA  1 
ATOM   253 C C   . GLY B 1 12 ? -4.466  8.077   -0.141  1.00 15.15 ? 12   GLY B C   1 
ATOM   254 O O   . GLY B 1 12 ? -3.747  8.200   -1.140  1.00 12.99 ? 12   GLY B O   1 
ATOM   255 N N   . LEU B 1 13 ? -4.002  7.788   1.074   1.00 15.78 ? 13   LEU B N   1 
ATOM   256 C CA  . LEU B 1 13 ? -2.610  7.471   1.287   1.00 16.51 ? 13   LEU B CA  1 
ATOM   257 C C   . LEU B 1 13 ? -2.265  6.112   0.706   1.00 10.21 ? 13   LEU B C   1 
ATOM   258 O O   . LEU B 1 13 ? -3.141  5.292   0.453   1.00 11.58 ? 13   LEU B O   1 
ATOM   259 C CB  . LEU B 1 13 ? -2.274  7.442   2.782   1.00 13.46 ? 13   LEU B CB  1 
ATOM   260 C CG  . LEU B 1 13 ? -2.371  8.788   3.480   1.00 18.55 ? 13   LEU B CG  1 
ATOM   261 C CD1 . LEU B 1 13 ? -2.356  8.578   4.981   1.00 23.75 ? 13   LEU B CD1 1 
ATOM   262 C CD2 . LEU B 1 13 ? -1.216  9.680   3.062   1.00 16.05 ? 13   LEU B CD2 1 
HETATM 263 N N   . HYP B 1 14 ? -0.988  5.849   0.513   1.00 11.51 ? 14   HYP B N   1 
HETATM 264 C CA  . HYP B 1 14 ? -0.513  4.522   0.172   1.00 10.55 ? 14   HYP B CA  1 
HETATM 265 C C   . HYP B 1 14 ? -0.925  3.523   1.242   1.00 9.81  ? 14   HYP B C   1 
HETATM 266 O O   . HYP B 1 14 ? -1.067  3.888   2.421   1.00 13.11 ? 14   HYP B O   1 
HETATM 267 C CB  . HYP B 1 14 ? 1.011   4.686   0.148   1.00 16.43 ? 14   HYP B CB  1 
HETATM 268 C CG  . HYP B 1 14 ? 1.220   6.136   -0.153  1.00 16.02 ? 14   HYP B CG  1 
HETATM 269 C CD  . HYP B 1 14 ? 0.127   6.838   0.606   1.00 12.44 ? 14   HYP B CD  1 
HETATM 270 O OD1 . HYP B 1 14 ? 0.989   6.389   -1.519  1.00 14.40 ? 14   HYP B OD1 1 
ATOM   271 N N   . GLY B 1 15 ? -1.104  2.278   0.835   1.00 11.66 ? 15   GLY B N   1 
ATOM   272 C CA  . GLY B 1 15 ? -1.487  1.199   1.733   1.00 13.72 ? 15   GLY B CA  1 
ATOM   273 C C   . GLY B 1 15 ? -0.312  0.851   2.622   1.00 10.51 ? 15   GLY B C   1 
ATOM   274 O O   . GLY B 1 15 ? 0.787   1.378   2.415   1.00 15.49 ? 15   GLY B O   1 
ATOM   275 N N   . PRO B 1 16 ? -0.527  -0.025  3.584   1.00 11.78 ? 16   PRO B N   1 
ATOM   276 C CA  . PRO B 1 16 ? 0.520   -0.429  4.516   1.00 7.87  ? 16   PRO B CA  1 
ATOM   277 C C   . PRO B 1 16 ? 1.648   -1.113  3.755   1.00 12.81 ? 16   PRO B C   1 
ATOM   278 O O   . PRO B 1 16 ? 1.382   -1.692  2.699   1.00 13.65 ? 16   PRO B O   1 
ATOM   279 C CB  . PRO B 1 16 ? -0.149  -1.446  5.430   1.00 15.17 ? 16   PRO B CB  1 
ATOM   280 C CG  . PRO B 1 16 ? -1.585  -1.464  5.084   1.00 19.82 ? 16   PRO B CG  1 
ATOM   281 C CD  . PRO B 1 16 ? -1.813  -0.716  3.808   1.00 15.84 ? 16   PRO B CD  1 
HETATM 282 N N   . HYP B 1 17 ? 2.866   -1.031  4.239   1.00 13.62 ? 17   HYP B N   1 
HETATM 283 C CA  . HYP B 1 17 ? 3.964   -1.737  3.564   1.00 12.59 ? 17   HYP B CA  1 
HETATM 284 C C   . HYP B 1 17 ? 3.590   -3.209  3.509   1.00 8.59  ? 17   HYP B C   1 
HETATM 285 O O   . HYP B 1 17 ? 2.847   -3.689  4.388   1.00 10.46 ? 17   HYP B O   1 
HETATM 286 C CB  . HYP B 1 17 ? 5.174   -1.479  4.451   1.00 15.56 ? 17   HYP B CB  1 
HETATM 287 C CG  . HYP B 1 17 ? 4.809   -0.223  5.175   1.00 14.91 ? 17   HYP B CG  1 
HETATM 288 C CD  . HYP B 1 17 ? 3.336   -0.305  5.418   1.00 11.52 ? 17   HYP B CD  1 
HETATM 289 O OD1 . HYP B 1 17 ? 5.127   0.884   4.354   1.00 13.21 ? 17   HYP B OD1 1 
ATOM   290 N N   . GLY B 1 18 ? 4.087   -3.922  2.514   1.00 13.82 ? 18   GLY B N   1 
ATOM   291 C CA  . GLY B 1 18 ? 3.870   -5.360  2.360   1.00 13.57 ? 18   GLY B CA  1 
ATOM   292 C C   . GLY B 1 18 ? 4.548   -6.116  3.482   1.00 11.92 ? 18   GLY B C   1 
ATOM   293 O O   . GLY B 1 18 ? 5.384   -5.590  4.216   1.00 11.44 ? 18   GLY B O   1 
ATOM   294 N N   . PRO B 1 19 ? 4.204   -7.389  3.626   1.00 10.43 ? 19   PRO B N   1 
ATOM   295 C CA  . PRO B 1 19 ? 4.882   -8.234  4.611   1.00 12.12 ? 19   PRO B CA  1 
ATOM   296 C C   . PRO B 1 19 ? 6.292   -8.588  4.151   1.00 12.72 ? 19   PRO B C   1 
ATOM   297 O O   . PRO B 1 19 ? 6.648   -8.393  2.985   1.00 12.63 ? 19   PRO B O   1 
ATOM   298 C CB  . PRO B 1 19 ? 4.025   -9.502  4.652   1.00 17.35 ? 19   PRO B CB  1 
ATOM   299 C CG  . PRO B 1 19 ? 3.391   -9.523  3.313   1.00 11.67 ? 19   PRO B CG  1 
ATOM   300 C CD  . PRO B 1 19 ? 3.179   -8.105  2.851   1.00 10.07 ? 19   PRO B CD  1 
HETATM 301 N N   . HYP B 1 20 ? 7.073   -9.116  5.074   1.00 10.04 ? 20   HYP B N   1 
HETATM 302 C CA  . HYP B 1 20 ? 8.404   -9.579  4.733   1.00 7.34  ? 20   HYP B CA  1 
HETATM 303 C C   . HYP B 1 20 ? 8.293   -10.655 3.664   1.00 11.64 ? 20   HYP B C   1 
HETATM 304 O O   . HYP B 1 20 ? 7.335   -11.426 3.602   1.00 12.38 ? 20   HYP B O   1 
HETATM 305 C CB  . HYP B 1 20 ? 8.950   -10.192 6.005   1.00 14.18 ? 20   HYP B CB  1 
HETATM 306 C CG  . HYP B 1 20 ? 8.130   -9.572  7.117   1.00 18.23 ? 20   HYP B CG  1 
HETATM 307 C CD  . HYP B 1 20 ? 6.772   -9.351  6.499   1.00 13.61 ? 20   HYP B CD  1 
HETATM 308 O OD1 . HYP B 1 20 ? 8.699   -8.306  7.374   1.00 17.72 ? 20   HYP B OD1 1 
ATOM   309 N N   . GLY B 1 21 ? 9.322   -10.705 2.831   1.00 12.55 ? 21   GLY B N   1 
ATOM   310 C CA  . GLY B 1 21 ? 9.345   -11.760 1.817   1.00 9.72  ? 21   GLY B CA  1 
ATOM   311 C C   . GLY B 1 21 ? 9.595   -13.116 2.425   1.00 9.36  ? 21   GLY B C   1 
ATOM   312 O O   . GLY B 1 21 ? 9.748   -13.302 3.651   1.00 9.60  ? 21   GLY B O   1 
ATOM   313 N N   . PRO B 1 22 ? 9.637   -14.127 1.558   1.00 8.91  ? 22   PRO B N   1 
ATOM   314 C CA  . PRO B 1 22 ? 9.812   -15.473 2.119   1.00 12.94 ? 22   PRO B CA  1 
ATOM   315 C C   . PRO B 1 22 ? 11.258  -15.740 2.503   1.00 12.95 ? 22   PRO B C   1 
ATOM   316 O O   . PRO B 1 22 ? 12.178  -15.022 2.113   1.00 12.13 ? 22   PRO B O   1 
ATOM   317 C CB  . PRO B 1 22 ? 9.379   -16.372 0.977   1.00 14.48 ? 22   PRO B CB  1 
ATOM   318 C CG  . PRO B 1 22 ? 9.651   -15.581 -0.266  1.00 16.06 ? 22   PRO B CG  1 
ATOM   319 C CD  . PRO B 1 22 ? 9.507   -14.126 0.094   1.00 10.32 ? 22   PRO B CD  1 
HETATM 320 N N   . HYP B 1 23 ? 11.473  -16.792 3.277   1.00 13.88 ? 23   HYP B N   1 
HETATM 321 C CA  . HYP B 1 23 ? 12.851  -17.144 3.645   1.00 15.06 ? 23   HYP B CA  1 
HETATM 322 C C   . HYP B 1 23 ? 13.716  -17.358 2.405   1.00 13.97 ? 23   HYP B C   1 
HETATM 323 O O   . HYP B 1 23 ? 13.203  -17.801 1.380   1.00 15.68 ? 23   HYP B O   1 
HETATM 324 C CB  . HYP B 1 23 ? 12.666  -18.465 4.392   1.00 19.46 ? 23   HYP B CB  1 
HETATM 325 C CG  . HYP B 1 23 ? 11.276  -18.420 4.919   1.00 16.75 ? 23   HYP B CG  1 
HETATM 326 C CD  . HYP B 1 23 ? 10.475  -17.728 3.849   1.00 13.94 ? 23   HYP B CD  1 
HETATM 327 O OD1 . HYP B 1 23 ? 11.220  -17.678 6.127   1.00 18.04 ? 23   HYP B OD1 1 
ATOM   328 N N   . GLY B 1 24 ? 15.002  -17.066 2.497   1.00 16.31 ? 24   GLY B N   1 
ATOM   329 C CA  . GLY B 1 24 ? 15.931  -17.317 1.422   1.00 14.26 ? 24   GLY B CA  1 
ATOM   330 C C   . GLY B 1 24 ? 16.111  -18.816 1.195   1.00 13.38 ? 24   GLY B C   1 
ATOM   331 O O   . GLY B 1 24 ? 15.517  -19.617 1.917   1.00 18.10 ? 24   GLY B O   1 
ATOM   332 N N   . PRO B 1 25 ? 16.921  -19.088 0.192   1.00 17.09 ? 25   PRO B N   1 
ATOM   333 C CA  . PRO B 1 25 ? 17.381  -20.426 -0.152  1.00 27.92 ? 25   PRO B CA  1 
ATOM   334 C C   . PRO B 1 25 ? 18.200  -21.099 0.943   1.00 18.60 ? 25   PRO B C   1 
ATOM   335 O O   . PRO B 1 25 ? 18.778  -20.456 1.819   1.00 13.77 ? 25   PRO B O   1 
ATOM   336 C CB  . PRO B 1 25 ? 18.289  -20.175 -1.368  1.00 28.91 ? 25   PRO B CB  1 
ATOM   337 C CG  . PRO B 1 25 ? 18.592  -18.725 -1.398  1.00 27.30 ? 25   PRO B CG  1 
ATOM   338 C CD  . PRO B 1 25 ? 17.440  -18.040 -0.714  1.00 28.93 ? 25   PRO B CD  1 
HETATM 339 N N   . HYP B 1 26 ? 18.258  -22.433 0.956   1.00 22.10 ? 26   HYP B N   1 
HETATM 340 C CA  . HYP B 1 26 ? 19.217  -23.161 1.783   1.00 22.22 ? 26   HYP B CA  1 
HETATM 341 C C   . HYP B 1 26 ? 20.638  -22.647 1.546   1.00 13.75 ? 26   HYP B C   1 
HETATM 342 O O   . HYP B 1 26 ? 20.957  -22.279 0.419   1.00 19.71 ? 26   HYP B O   1 
HETATM 343 C CB  . HYP B 1 26 ? 19.127  -24.596 1.269   1.00 29.83 ? 26   HYP B CB  1 
HETATM 344 C CG  . HYP B 1 26 ? 17.745  -24.700 0.703   1.00 26.75 ? 26   HYP B CG  1 
HETATM 345 C CD  . HYP B 1 26 ? 17.374  -23.338 0.200   1.00 28.22 ? 26   HYP B CD  1 
HETATM 346 O OD1 . HYP B 1 26 ? 16.880  -25.045 1.745   1.00 24.58 ? 26   HYP B OD1 1 
ATOM   347 N N   . GLY B 1 27 ? 21.429  -22.628 2.593   1.00 16.06 ? 27   GLY B N   1 
ATOM   348 C CA  . GLY B 1 27 ? 22.814  -22.190 2.523   1.00 29.08 ? 27   GLY B CA  1 
ATOM   349 C C   . GLY B 1 27 ? 23.670  -23.234 1.829   1.00 32.75 ? 27   GLY B C   1 
ATOM   350 O O   . GLY B 1 27 ? 23.181  -24.305 1.472   1.00 31.46 ? 27   GLY B O   1 
ATOM   351 N N   . PRO B 1 28 ? 24.952  -22.970 1.635   1.00 43.28 ? 28   PRO B N   1 
ATOM   352 C CA  . PRO B 1 28 ? 25.761  -23.903 0.832   1.00 44.83 ? 28   PRO B CA  1 
ATOM   353 C C   . PRO B 1 28 ? 25.866  -25.236 1.556   1.00 36.04 ? 28   PRO B C   1 
ATOM   354 O O   . PRO B 1 28 ? 25.586  -25.347 2.751   1.00 26.40 ? 28   PRO B O   1 
ATOM   355 C CB  . PRO B 1 28 ? 27.118  -23.209 0.752   1.00 53.06 ? 28   PRO B CB  1 
ATOM   356 C CG  . PRO B 1 28 ? 27.162  -22.298 1.938   1.00 56.31 ? 28   PRO B CG  1 
ATOM   357 C CD  . PRO B 1 28 ? 25.740  -21.841 2.158   1.00 54.57 ? 28   PRO B CD  1 
HETATM 358 N N   . HYP B 1 29 ? 26.273  -26.281 0.848   1.00 40.76 ? 29   HYP B N   1 
HETATM 359 C CA  . HYP B 1 29 ? 26.486  -27.562 1.522   1.00 40.64 ? 29   HYP B CA  1 
HETATM 360 C C   . HYP B 1 29 ? 27.669  -27.460 2.484   1.00 35.96 ? 29   HYP B C   1 
HETATM 361 O O   . HYP B 1 29 ? 28.547  -26.628 2.275   1.00 29.67 ? 29   HYP B O   1 
HETATM 362 C CB  . HYP B 1 29 ? 26.841  -28.514 0.386   1.00 46.28 ? 29   HYP B CB  1 
HETATM 363 C CG  . HYP B 1 29 ? 26.379  -27.828 -0.855  1.00 39.99 ? 29   HYP B CG  1 
HETATM 364 C CD  . HYP B 1 29 ? 26.560  -26.353 -0.588  1.00 42.76 ? 29   HYP B CD  1 
HETATM 365 O OD1 . HYP B 1 29 ? 25.002  -28.067 -1.008  1.00 42.29 ? 29   HYP B OD1 1 
ATOM   366 N N   . GLY B 1 30 ? 27.645  -28.312 3.489   1.00 37.66 ? 30   GLY B N   1 
ATOM   367 C CA  . GLY B 1 30 ? 28.734  -28.519 4.421   1.00 48.94 ? 30   GLY B CA  1 
ATOM   368 C C   . GLY B 1 30 ? 29.753  -29.499 3.842   1.00 51.51 ? 30   GLY B C   1 
ATOM   369 O O   . GLY B 1 30 ? 29.712  -29.747 2.614   1.00 32.89 ? 30   GLY B O   1 
ATOM   370 O OXT . GLY B 1 30 ? 30.583  -30.006 4.625   1.00 56.48 ? 30   GLY B OXT 1 
ATOM   371 N N   . PRO C 1 1  ? -27.225 28.533  -1.807  1.00 28.80 ? 1    PRO C N   1 
ATOM   372 C CA  . PRO C 1 1  ? -25.904 28.362  -1.197  1.00 22.33 ? 1    PRO C CA  1 
ATOM   373 C C   . PRO C 1 1  ? -25.113 27.268  -1.899  1.00 26.88 ? 1    PRO C C   1 
ATOM   374 O O   . PRO C 1 1  ? -25.612 26.608  -2.821  1.00 22.61 ? 1    PRO C O   1 
ATOM   375 C CB  . PRO C 1 1  ? -26.298 27.980  0.237   1.00 31.79 ? 1    PRO C CB  1 
ATOM   376 C CG  . PRO C 1 1  ? -27.472 27.080  0.026   1.00 35.67 ? 1    PRO C CG  1 
ATOM   377 C CD  . PRO C 1 1  ? -28.215 27.652  -1.146  1.00 33.41 ? 1    PRO C CD  1 
HETATM 378 N N   . HYP C 1 2  ? -23.858 27.089  -1.514  1.00 22.82 ? 2    HYP C N   1 
HETATM 379 C CA  . HYP C 1 2  ? -23.037 26.048  -2.157  1.00 19.37 ? 2    HYP C CA  1 
HETATM 380 C C   . HYP C 1 2  ? -23.596 24.646  -2.008  1.00 23.13 ? 2    HYP C C   1 
HETATM 381 O O   . HYP C 1 2  ? -24.373 24.286  -1.119  1.00 22.11 ? 2    HYP C O   1 
HETATM 382 C CB  . HYP C 1 2  ? -21.685 26.152  -1.442  1.00 23.77 ? 2    HYP C CB  1 
HETATM 383 C CG  . HYP C 1 2  ? -21.666 27.565  -0.927  1.00 31.48 ? 2    HYP C CG  1 
HETATM 384 C CD  . HYP C 1 2  ? -23.086 27.838  -0.510  1.00 26.06 ? 2    HYP C CD  1 
HETATM 385 O OD1 . HYP C 1 2  ? -21.314 28.437  -1.969  1.00 34.37 ? 2    HYP C OD1 1 
ATOM   386 N N   . GLY C 1 3  ? -23.172 23.819  -2.975  1.00 18.23 ? 3    GLY C N   1 
ATOM   387 C CA  . GLY C 1 3  ? -23.566 22.414  -2.927  1.00 17.51 ? 3    GLY C CA  1 
ATOM   388 C C   . GLY C 1 3  ? -22.856 21.705  -1.804  1.00 11.25 ? 3    GLY C C   1 
ATOM   389 O O   . GLY C 1 3  ? -22.054 22.282  -1.065  1.00 13.02 ? 3    GLY C O   1 
ATOM   390 N N   . PRO C 1 4  ? -23.160 20.429  -1.618  1.00 14.01 ? 4    PRO C N   1 
ATOM   391 C CA  . PRO C 1 4  ? -22.490 19.649  -0.583  1.00 16.77 ? 4    PRO C CA  1 
ATOM   392 C C   . PRO C 1 4  ? -21.092 19.239  -1.002  1.00 16.81 ? 4    PRO C C   1 
ATOM   393 O O   . PRO C 1 4  ? -20.754 19.375  -2.173  1.00 10.98 ? 4    PRO C O   1 
ATOM   394 C CB  . PRO C 1 4  ? -23.362 18.375  -0.485  1.00 23.82 ? 4    PRO C CB  1 
ATOM   395 C CG  . PRO C 1 4  ? -23.919 18.239  -1.855  1.00 17.33 ? 4    PRO C CG  1 
ATOM   396 C CD  . PRO C 1 4  ? -24.167 19.640  -2.347  1.00 17.26 ? 4    PRO C CD  1 
HETATM 397 N N   . HYP C 1 5  ? -20.309 18.731  -0.072  1.00 10.56 ? 5    HYP C N   1 
HETATM 398 C CA  . HYP C 1 5  ? -18.959 18.259  -0.390  1.00 8.86  ? 5    HYP C CA  1 
HETATM 399 C C   . HYP C 1 5  ? -19.050 17.232  -1.515  1.00 16.80 ? 5    HYP C C   1 
HETATM 400 O O   . HYP C 1 5  ? -20.043 16.504  -1.588  1.00 11.27 ? 5    HYP C O   1 
HETATM 401 C CB  . HYP C 1 5  ? -18.472 17.611  0.898   1.00 11.18 ? 5    HYP C CB  1 
HETATM 402 C CG  . HYP C 1 5  ? -19.246 18.344  1.950   1.00 12.32 ? 5    HYP C CG  1 
HETATM 403 C CD  . HYP C 1 5  ? -20.614 18.545  1.357   1.00 12.52 ? 5    HYP C CD  1 
HETATM 404 O OD1 . HYP C 1 5  ? -18.661 19.628  2.127   1.00 17.50 ? 5    HYP C OD1 1 
ATOM   405 N N   . GLY C 1 6  ? -18.044 17.155  -2.376  1.00 12.84 ? 6    GLY C N   1 
ATOM   406 C CA  . GLY C 1 6  ? -17.995 16.058  -3.339  1.00 10.98 ? 6    GLY C CA  1 
ATOM   407 C C   . GLY C 1 6  ? -17.856 14.699  -2.701  1.00 12.91 ? 6    GLY C C   1 
ATOM   408 O O   . GLY C 1 6  ? -17.746 14.538  -1.480  1.00 12.07 ? 6    GLY C O   1 
ATOM   409 N N   . PRO C 1 7  ? -17.874 13.653  -3.516  1.00 9.98  ? 7    PRO C N   1 
ATOM   410 C CA  . PRO C 1 7  ? -17.708 12.302  -2.998  1.00 14.81 ? 7    PRO C CA  1 
ATOM   411 C C   . PRO C 1 7  ? -16.273 12.025  -2.582  1.00 8.62  ? 7    PRO C C   1 
ATOM   412 O O   . PRO C 1 7  ? -15.309 12.725  -2.943  1.00 12.38 ? 7    PRO C O   1 
ATOM   413 C CB  . PRO C 1 7  ? -18.091 11.423  -4.197  1.00 18.79 ? 7    PRO C CB  1 
ATOM   414 C CG  . PRO C 1 7  ? -17.920 12.275  -5.401  1.00 13.38 ? 7    PRO C CG  1 
ATOM   415 C CD  . PRO C 1 7  ? -18.107 13.692  -4.965  1.00 10.04 ? 7    PRO C CD  1 
HETATM 416 N N   . HYP C 1 8  ? -16.053 10.981  -1.804  1.00 11.46 ? 8    HYP C N   1 
HETATM 417 C CA  . HYP C 1 8  ? -14.715 10.580  -1.412  1.00 12.10 ? 8    HYP C CA  1 
HETATM 418 C C   . HYP C 1 8  ? -13.806 10.375  -2.627  1.00 10.74 ? 8    HYP C C   1 
HETATM 419 O O   . HYP C 1 8  ? -14.248 9.993   -3.717  1.00 13.24 ? 8    HYP C O   1 
HETATM 420 C CB  . HYP C 1 8  ? -14.967 9.261   -0.679  1.00 17.35 ? 8    HYP C CB  1 
HETATM 421 C CG  . HYP C 1 8  ? -16.337 9.436   -0.111  1.00 13.48 ? 8    HYP C CG  1 
HETATM 422 C CD  . HYP C 1 8  ? -17.101 10.096  -1.217  1.00 11.77 ? 8    HYP C CD  1 
HETATM 423 O OD1 . HYP C 1 8  ? -16.266 10.309  1.005   1.00 13.27 ? 8    HYP C OD1 1 
ATOM   424 N N   . GLY C 1 9  ? -12.518 10.609  -2.408  1.00 11.08 ? 9    GLY C N   1 
ATOM   425 C CA  . GLY C 1 9  ? -11.520 10.312  -3.415  1.00 10.67 ? 9    GLY C CA  1 
ATOM   426 C C   . GLY C 1 9  ? -11.323 8.818   -3.609  1.00 13.46 ? 9    GLY C C   1 
ATOM   427 O O   . GLY C 1 9  ? -11.826 7.953   -2.882  1.00 15.29 ? 9    GLY C O   1 
ATOM   428 N N   . PRO C 1 10 ? -10.550 8.479   -4.641  1.00 20.29 ? 10   PRO C N   1 
ATOM   429 C CA  . PRO C 1 10 ? -10.290 7.061   -4.921  1.00 26.64 ? 10   PRO C CA  1 
ATOM   430 C C   . PRO C 1 10 ? -9.328  6.472   -3.893  1.00 14.43 ? 10   PRO C C   1 
ATOM   431 O O   . PRO C 1 10 ? -8.649  7.259   -3.229  1.00 11.62 ? 10   PRO C O   1 
ATOM   432 C CB  . PRO C 1 10 ? -9.601  7.110   -6.284  1.00 20.51 ? 10   PRO C CB  1 
ATOM   433 C CG  . PRO C 1 10 ? -8.906  8.448   -6.268  1.00 20.81 ? 10   PRO C CG  1 
ATOM   434 C CD  . PRO C 1 10 ? -9.864  9.391   -5.588  1.00 17.98 ? 10   PRO C CD  1 
HETATM 435 N N   . HYP C 1 11 ? -9.230  5.154   -3.767  1.00 12.36 ? 11   HYP C N   1 
HETATM 436 C CA  . HYP C 1 11 ? -8.221  4.564   -2.901  1.00 14.97 ? 11   HYP C CA  1 
HETATM 437 C C   . HYP C 1 11 ? -6.822  5.046   -3.285  1.00 13.79 ? 11   HYP C C   1 
HETATM 438 O O   . HYP C 1 11 ? -6.582  5.281   -4.469  1.00 11.78 ? 11   HYP C O   1 
HETATM 439 C CB  . HYP C 1 11 ? -8.338  3.055   -3.175  1.00 15.67 ? 11   HYP C CB  1 
HETATM 440 C CG  . HYP C 1 11 ? -9.770  2.901   -3.568  1.00 17.89 ? 11   HYP C CG  1 
HETATM 441 C CD  . HYP C 1 11 ? -10.051 4.113   -4.420  1.00 14.78 ? 11   HYP C CD  1 
HETATM 442 O OD1 . HYP C 1 11 ? -10.593 2.991   -2.424  1.00 23.50 ? 11   HYP C OD1 1 
ATOM   443 N N   . GLY C 1 12 ? -5.980  5.139   -2.273  1.00 13.26 ? 12   GLY C N   1 
ATOM   444 C CA  . GLY C 1 12 ? -4.573  5.376   -2.479  1.00 14.42 ? 12   GLY C CA  1 
ATOM   445 C C   . GLY C 1 12 ? -3.854  4.306   -3.277  1.00 15.14 ? 12   GLY C C   1 
ATOM   446 O O   . GLY C 1 12 ? -4.359  3.224   -3.573  1.00 10.79 ? 12   GLY C O   1 
ATOM   447 N N   . LEU C 1 13 ? -2.607  4.594   -3.631  1.00 11.09 ? 13   LEU C N   1 
ATOM   448 C CA  . LEU C 1 13 ? -1.680  3.640   -4.211  1.00 11.74 ? 13   LEU C CA  1 
ATOM   449 C C   . LEU C 1 13 ? -1.522  2.401   -3.344  1.00 12.05 ? 13   LEU C C   1 
ATOM   450 O O   . LEU C 1 13 ? -1.712  2.408   -2.109  1.00 10.23 ? 13   LEU C O   1 
ATOM   451 C CB  . LEU C 1 13 ? -0.301  4.287   -4.336  1.00 13.86 ? 13   LEU C CB  1 
ATOM   452 C CG  . LEU C 1 13 ? -0.185  5.466   -5.298  1.00 26.31 ? 13   LEU C CG  1 
ATOM   453 C CD1 . LEU C 1 13 ? 1.134   6.222   -5.149  1.00 15.96 ? 13   LEU C CD1 1 
ATOM   454 C CD2 . LEU C 1 13 ? -0.343  4.959   -6.725  1.00 28.72 ? 13   LEU C CD2 1 
HETATM 455 N N   . HYP C 1 14 ? -1.127  1.280   -3.940  1.00 14.17 ? 14   HYP C N   1 
HETATM 456 C CA  . HYP C 1 14 ? -0.728  0.147   -3.124  1.00 11.54 ? 14   HYP C CA  1 
HETATM 457 C C   . HYP C 1 14 ? 0.449   0.533   -2.225  1.00 10.79 ? 14   HYP C C   1 
HETATM 458 O O   . HYP C 1 14 ? 1.231   1.447   -2.542  1.00 9.82  ? 14   HYP C O   1 
HETATM 459 C CB  . HYP C 1 14 ? -0.247  -0.905  -4.136  1.00 19.33 ? 14   HYP C CB  1 
HETATM 460 C CG  . HYP C 1 14 ? -0.892  -0.503  -5.422  1.00 15.29 ? 14   HYP C CG  1 
HETATM 461 C CD  . HYP C 1 14 ? -1.018  0.996   -5.386  1.00 15.75 ? 14   HYP C CD  1 
HETATM 462 O OD1 . HYP C 1 14 ? -2.191  -1.086  -5.452  1.00 12.36 ? 14   HYP C OD1 1 
ATOM   463 N N   . GLY C 1 15 ? 0.596   -0.180  -1.119  1.00 10.55 ? 15   GLY C N   1 
ATOM   464 C CA  . GLY C 1 15 ? 1.747   -0.031  -0.254  1.00 9.15  ? 15   GLY C CA  1 
ATOM   465 C C   . GLY C 1 15 ? 3.031   -0.427  -0.972  1.00 14.05 ? 15   GLY C C   1 
ATOM   466 O O   . GLY C 1 15 ? 3.065   -1.093  -2.010  1.00 10.41 ? 15   GLY C O   1 
ATOM   467 N N   . PRO C 1 16 ? 4.164   -0.002  -0.406  1.00 12.15 ? 16   PRO C N   1 
ATOM   468 C CA  . PRO C 1 16 ? 5.463   -0.395  -0.952  1.00 9.07  ? 16   PRO C CA  1 
ATOM   469 C C   . PRO C 1 16 ? 5.740   -1.845  -0.635  1.00 8.33  ? 16   PRO C C   1 
ATOM   470 O O   . PRO C 1 16 ? 5.104   -2.402  0.260   1.00 10.19 ? 16   PRO C O   1 
ATOM   471 C CB  . PRO C 1 16 ? 6.455   0.469   -0.177  1.00 11.16 ? 16   PRO C CB  1 
ATOM   472 C CG  . PRO C 1 16 ? 5.740   0.894   1.053   1.00 14.46 ? 16   PRO C CG  1 
ATOM   473 C CD  . PRO C 1 16 ? 4.257   0.844   0.786   1.00 11.57 ? 16   PRO C CD  1 
HETATM 474 N N   . HYP C 1 17 ? 6.698   -2.477  -1.301  1.00 12.58 ? 17   HYP C N   1 
HETATM 475 C CA  . HYP C 1 17 ? 7.040   -3.861  -0.968  1.00 11.42 ? 17   HYP C CA  1 
HETATM 476 C C   . HYP C 1 17 ? 7.512   -4.006  0.470   1.00 13.63 ? 17   HYP C C   1 
HETATM 477 O O   . HYP C 1 17 ? 8.059   -3.075  1.074   1.00 11.32 ? 17   HYP C O   1 
HETATM 478 C CB  . HYP C 1 17 ? 8.185   -4.192  -1.928  1.00 11.73 ? 17   HYP C CB  1 
HETATM 479 C CG  . HYP C 1 17 ? 8.068   -3.206  -3.041  1.00 12.92 ? 17   HYP C CG  1 
HETATM 480 C CD  . HYP C 1 17 ? 7.527   -1.944  -2.394  1.00 15.06 ? 17   HYP C CD  1 
HETATM 481 O OD1 . HYP C 1 17 ? 7.096   -3.659  -3.962  1.00 13.96 ? 17   HYP C OD1 1 
ATOM   482 N N   . GLY C 1 18 ? 7.334   -5.167  1.090   1.00 11.70 ? 18   GLY C N   1 
ATOM   483 C CA  . GLY C 1 18 ? 7.900   -5.357  2.417   1.00 8.88  ? 18   GLY C CA  1 
ATOM   484 C C   . GLY C 1 18 ? 9.410   -5.457  2.424   1.00 7.05  ? 18   GLY C C   1 
ATOM   485 O O   . GLY C 1 18 ? 10.138  -5.387  1.413   1.00 13.08 ? 18   GLY C O   1 
ATOM   486 N N   . PRO C 1 19 ? 9.979   -5.651  3.602   1.00 11.06 ? 19   PRO C N   1 
ATOM   487 C CA  . PRO C 1 19 ? 11.409  -5.907  3.679   1.00 11.49 ? 19   PRO C CA  1 
ATOM   488 C C   . PRO C 1 19 ? 11.783  -7.289  3.159   1.00 10.87 ? 19   PRO C C   1 
ATOM   489 O O   . PRO C 1 19 ? 10.939  -8.185  2.954   1.00 9.47  ? 19   PRO C O   1 
ATOM   490 C CB  . PRO C 1 19 ? 11.697  -5.890  5.179   1.00 17.60 ? 19   PRO C CB  1 
ATOM   491 C CG  . PRO C 1 19 ? 10.412  -5.804  5.898   1.00 20.55 ? 19   PRO C CG  1 
ATOM   492 C CD  . PRO C 1 19 ? 9.297   -5.640  4.904   1.00 17.40 ? 19   PRO C CD  1 
HETATM 493 N N   . HYP C 1 20 ? 13.072  -7.523  2.985   1.00 10.29 ? 20   HYP C N   1 
HETATM 494 C CA  . HYP C 1 20 ? 13.555  -8.860  2.659   1.00 10.17 ? 20   HYP C CA  1 
HETATM 495 C C   . HYP C 1 20 ? 13.153  -9.887  3.708   1.00 14.13 ? 20   HYP C C   1 
HETATM 496 O O   . HYP C 1 20 ? 13.047  -9.639  4.921   1.00 11.87 ? 20   HYP C O   1 
HETATM 497 C CB  . HYP C 1 20 ? 15.074  -8.664  2.620   1.00 16.36 ? 20   HYP C CB  1 
HETATM 498 C CG  . HYP C 1 20 ? 15.250  -7.198  2.320   1.00 14.71 ? 20   HYP C CG  1 
HETATM 499 C CD  . HYP C 1 20 ? 14.155  -6.511  3.073   1.00 16.37 ? 20   HYP C CD  1 
HETATM 500 O OD1 . HYP C 1 20 ? 15.007  -7.032  0.933   1.00 19.79 ? 20   HYP C OD1 1 
ATOM   501 N N   . GLY C 1 21 ? 12.905  -11.110 3.237   1.00 17.04 ? 21   GLY C N   1 
ATOM   502 C CA  . GLY C 1 21 ? 12.560  -12.199 4.142   1.00 17.28 ? 21   GLY C CA  1 
ATOM   503 C C   . GLY C 1 21 ? 13.718  -12.638 5.016   1.00 13.34 ? 21   GLY C C   1 
ATOM   504 O O   . GLY C 1 21 ? 14.869  -12.169 4.937   1.00 12.93 ? 21   GLY C O   1 
ATOM   505 N N   . PRO C 1 22 ? 13.477  -13.578 5.916   1.00 10.62 ? 22   PRO C N   1 
ATOM   506 C CA  . PRO C 1 22 ? 14.517  -14.097 6.802   1.00 10.55 ? 22   PRO C CA  1 
ATOM   507 C C   . PRO C 1 22 ? 15.555  -14.897 6.043   1.00 13.69 ? 22   PRO C C   1 
ATOM   508 O O   . PRO C 1 22 ? 15.250  -15.438 4.975   1.00 14.15 ? 22   PRO C O   1 
ATOM   509 C CB  . PRO C 1 22 ? 13.757  -15.072 7.716   1.00 13.77 ? 22   PRO C CB  1 
ATOM   510 C CG  . PRO C 1 22 ? 12.341  -14.600 7.614   1.00 11.89 ? 22   PRO C CG  1 
ATOM   511 C CD  . PRO C 1 22 ? 12.177  -14.240 6.155   1.00 13.18 ? 22   PRO C CD  1 
HETATM 512 N N   . HYP C 1 23 ? 16.746  -15.055 6.585   1.00 12.66 ? 23   HYP C N   1 
HETATM 513 C CA  . HYP C 1 23 ? 17.704  -15.982 6.007   1.00 13.89 ? 23   HYP C CA  1 
HETATM 514 C C   . HYP C 1 23 ? 17.092  -17.387 5.883   1.00 17.01 ? 23   HYP C C   1 
HETATM 515 O O   . HYP C 1 23 ? 16.251  -17.833 6.669   1.00 15.78 ? 23   HYP C O   1 
HETATM 516 C CB  . HYP C 1 23 ? 18.834  -15.998 7.029   1.00 23.56 ? 23   HYP C CB  1 
HETATM 517 C CG  . HYP C 1 23 ? 18.686  -14.719 7.785   1.00 15.59 ? 23   HYP C CG  1 
HETATM 518 C CD  . HYP C 1 23 ? 17.227  -14.409 7.825   1.00 15.64 ? 23   HYP C CD  1 
HETATM 519 O OD1 . HYP C 1 23 ? 19.277  -13.687 7.053   1.00 16.37 ? 23   HYP C OD1 1 
ATOM   520 N N   . GLY C 1 24 ? 17.514  -18.103 4.846   1.00 18.18 ? 24   GLY C N   1 
ATOM   521 C CA  . GLY C 1 24 ? 17.034  -19.417 4.491   1.00 19.01 ? 24   GLY C CA  1 
ATOM   522 C C   . GLY C 1 24 ? 17.510  -20.530 5.390   1.00 21.09 ? 24   GLY C C   1 
ATOM   523 O O   . GLY C 1 24 ? 18.230  -20.275 6.352   1.00 19.76 ? 24   GLY C O   1 
ATOM   524 N N   . PRO C 1 25 ? 17.107  -21.773 5.132   1.00 18.40 ? 25   PRO C N   1 
ATOM   525 C CA  . PRO C 1 25 ? 17.538  -22.901 5.952   1.00 22.43 ? 25   PRO C CA  1 
ATOM   526 C C   . PRO C 1 25 ? 19.031  -23.191 5.835   1.00 29.52 ? 25   PRO C C   1 
ATOM   527 O O   . PRO C 1 25 ? 19.668  -22.920 4.829   1.00 26.09 ? 25   PRO C O   1 
ATOM   528 C CB  . PRO C 1 25 ? 16.762  -24.102 5.390   1.00 17.88 ? 25   PRO C CB  1 
ATOM   529 C CG  . PRO C 1 25 ? 15.688  -23.548 4.535   1.00 25.91 ? 25   PRO C CG  1 
ATOM   530 C CD  . PRO C 1 25 ? 16.188  -22.205 4.064   1.00 25.61 ? 25   PRO C CD  1 
HETATM 531 N N   . HYP C 1 26 ? 19.578  -23.770 6.902   1.00 40.10 ? 26   HYP C N   1 
HETATM 532 C CA  . HYP C 1 26 ? 20.948  -24.307 6.872   1.00 46.36 ? 26   HYP C CA  1 
HETATM 533 C C   . HYP C 1 26 ? 21.209  -25.123 5.608   1.00 46.86 ? 26   HYP C C   1 
HETATM 534 O O   . HYP C 1 26 ? 20.315  -25.817 5.113   1.00 39.12 ? 26   HYP C O   1 
HETATM 535 C CB  . HYP C 1 26 ? 20.960  -25.180 8.132   1.00 44.10 ? 26   HYP C CB  1 
HETATM 536 C CG  . HYP C 1 26 ? 20.088  -24.407 9.080   1.00 35.49 ? 26   HYP C CG  1 
HETATM 537 C CD  . HYP C 1 26 ? 18.934  -23.948 8.216   1.00 43.39 ? 26   HYP C CD  1 
HETATM 538 O OD1 . HYP C 1 26 ? 20.749  -23.235 9.499   1.00 38.79 ? 26   HYP C OD1 1 
ATOM   539 N N   . GLY C 1 27 ? 22.424  -25.026 5.062   1.00 42.51 ? 27   GLY C N   1 
ATOM   540 C CA  . GLY C 1 27 ? 22.758  -25.740 3.840   1.00 40.94 ? 27   GLY C CA  1 
ATOM   541 C C   . GLY C 1 27 ? 22.827  -27.243 4.081   1.00 50.41 ? 27   GLY C C   1 
ATOM   542 O O   . GLY C 1 27 ? 22.834  -27.657 5.246   1.00 47.70 ? 27   GLY C O   1 
ATOM   543 N N   . PRO C 1 28 ? 22.881  -28.057 3.032   1.00 49.38 ? 28   PRO C N   1 
ATOM   544 C CA  . PRO C 1 28 ? 22.904  -29.516 3.195   1.00 51.83 ? 28   PRO C CA  1 
ATOM   545 C C   . PRO C 1 28 ? 24.252  -30.035 3.682   1.00 56.89 ? 28   PRO C C   1 
ATOM   546 O O   . PRO C 1 28 ? 25.284  -29.400 3.466   1.00 77.21 ? 28   PRO C O   1 
ATOM   547 C CB  . PRO C 1 28 ? 22.639  -30.029 1.778   1.00 51.28 ? 28   PRO C CB  1 
ATOM   548 C CG  . PRO C 1 28 ? 23.144  -28.953 0.883   1.00 52.21 ? 28   PRO C CG  1 
ATOM   549 C CD  . PRO C 1 28 ? 22.929  -27.659 1.614   1.00 56.70 ? 28   PRO C CD  1 
HETATM 550 C C1  . EOH D 2 .  ? 22.920  -16.627 6.575   1.00 23.74 ? 101  EOH A C1  1 
HETATM 551 C C2  . EOH D 2 .  ? 24.313  -17.116 6.900   1.00 48.47 ? 101  EOH A C2  1 
HETATM 552 O O   . EOH D 2 .  ? 22.910  -15.940 5.317   1.00 34.86 ? 101  EOH A O   1 
HETATM 553 C C1  . EOH E 2 .  ? -7.822  0.081   -0.493  1.00 27.95 ? 102  EOH A C1  1 
HETATM 554 C C2  . EOH E 2 .  ? -8.183  -0.786  -1.679  1.00 38.07 ? 102  EOH A C2  1 
HETATM 555 O O   . EOH E 2 .  ? -8.901  0.965   -0.174  1.00 26.83 ? 102  EOH A O   1 
HETATM 556 C C1  . EOH F 2 .  ? 16.951  -12.271 -3.950  1.00 24.41 ? 103  EOH A C1  1 
HETATM 557 C C2  . EOH F 2 .  ? 16.348  -11.392 -2.878  1.00 27.69 ? 103  EOH A C2  1 
HETATM 558 O O   . EOH F 2 .  ? 18.025  -13.052 -3.418  1.00 50.36 ? 103  EOH A O   1 
HETATM 559 O O   . HOH G 3 .  ? -5.421  -3.016  4.169   1.00 16.98 ? 1004 HOH A O   1 
HETATM 560 O O   . HOH G 3 .  ? -5.905  -0.327  3.316   1.00 19.58 ? 1005 HOH A O   1 
HETATM 561 O O   . HOH G 3 .  ? 8.479   -11.730 -2.940  1.00 15.52 ? 1013 HOH A O   1 
HETATM 562 O O   . HOH G 3 .  ? 10.238  -13.267 -4.854  1.00 14.98 ? 1014 HOH A O   1 
HETATM 563 O O   . HOH G 3 .  ? 17.391  -15.126 -2.070  1.00 18.23 ? 1015 HOH A O   1 
HETATM 564 O O   . HOH G 3 .  ? -17.402 26.284  -5.564  1.00 28.15 ? 1023 HOH A O   1 
HETATM 565 O O   . HOH G 3 .  ? -14.587 17.031  2.125   1.00 17.15 ? 1036 HOH A O   1 
HETATM 566 O O   . HOH G 3 .  ? -18.069 25.718  -1.811  1.00 20.68 ? 1039 HOH A O   1 
HETATM 567 O O   . HOH G 3 .  ? 17.707  -10.919 -0.050  1.00 25.30 ? 1040 HOH A O   1 
HETATM 568 O O   . HOH G 3 .  ? -8.086  17.096  2.890   1.00 29.19 ? 1043 HOH A O   1 
HETATM 569 O O   . HOH G 3 .  ? -22.238 25.306  -10.490 1.00 38.23 ? 1045 HOH A O   1 
HETATM 570 O O   . HOH G 3 .  ? -10.657 19.632  -6.196  1.00 15.86 ? 1047 HOH A O   1 
HETATM 571 O O   . HOH G 3 .  ? 11.279  -17.154 -2.888  1.00 16.06 ? 1048 HOH A O   1 
HETATM 572 O O   . HOH G 3 .  ? 4.669   -11.897 -4.461  1.00 20.09 ? 1051 HOH A O   1 
HETATM 573 O O   . HOH G 3 .  ? 3.832   -13.063 1.928   1.00 27.50 ? 1054 HOH A O   1 
HETATM 574 O O   . HOH G 3 .  ? -3.153  5.426   6.179   1.00 20.50 ? 1058 HOH A O   1 
HETATM 575 O O   . HOH G 3 .  ? -19.384 22.137  -10.989 1.00 23.08 ? 1060 HOH A O   1 
HETATM 576 O O   . HOH G 3 .  ? 19.950  -15.019 -2.231  1.00 26.77 ? 1064 HOH A O   1 
HETATM 577 O O   . HOH G 3 .  ? -5.644  13.816  1.935   1.00 24.09 ? 1065 HOH A O   1 
HETATM 578 O O   . HOH G 3 .  ? 0.033   -4.597  -3.592  1.00 16.47 ? 1072 HOH A O   1 
HETATM 579 O O   . HOH G 3 .  ? -10.941 17.587  0.675   1.00 16.10 ? 1073 HOH A O   1 
HETATM 580 O O   . HOH G 3 .  ? 0.189   -7.923  -0.337  1.00 31.79 ? 1074 HOH A O   1 
HETATM 581 O O   . HOH G 3 .  ? -15.764 23.946  -5.574  1.00 20.96 ? 1075 HOH A O   1 
HETATM 582 O O   . HOH G 3 .  ? -6.067  7.600   3.066   1.00 14.16 ? 1077 HOH A O   1 
HETATM 583 O O   . HOH G 3 .  ? -12.784 19.570  0.932   1.00 26.30 ? 1080 HOH A O   1 
HETATM 584 O O   . HOH G 3 .  ? 0.794   -10.357 0.414   1.00 24.98 ? 1082 HOH A O   1 
HETATM 585 O O   . HOH G 3 .  ? 22.738  -19.565 -2.449  1.00 62.93 ? 1083 HOH A O   1 
HETATM 586 O O   . HOH G 3 .  ? -11.803 23.539  -4.570  1.00 37.25 ? 1090 HOH A O   1 
HETATM 587 O O   . HOH G 3 .  ? -12.810 8.063   2.440   1.00 21.52 ? 1091 HOH A O   1 
HETATM 588 O O   . HOH G 3 .  ? -11.289 10.529  4.200   1.00 25.90 ? 1092 HOH A O   1 
HETATM 589 O O   . HOH G 3 .  ? 9.416   -8.014  -3.475  1.00 16.77 ? 1093 HOH A O   1 
HETATM 590 O O   . HOH G 3 .  ? -9.098  9.453   4.407   1.00 31.46 ? 1099 HOH A O   1 
HETATM 591 O O   . HOH G 3 .  ? 22.074  -13.971 6.778   1.00 27.89 ? 1103 HOH A O   1 
HETATM 592 O O   . HOH G 3 .  ? -1.078  -5.124  5.354   1.00 28.87 ? 1105 HOH A O   1 
HETATM 593 O O   . HOH G 3 .  ? -23.164 30.139  -8.555  1.00 67.48 ? 1107 HOH A O   1 
HETATM 594 O O   . HOH G 3 .  ? 30.047  -25.903 6.910   1.00 43.20 ? 1108 HOH A O   1 
HETATM 595 O O   . HOH G 3 .  ? 18.720  -9.134  1.831   1.00 15.53 ? 2002 HOH A O   1 
HETATM 596 O O   . HOH G 3 .  ? 1.600   -3.378  -5.424  1.00 11.93 ? 2003 HOH A O   1 
HETATM 597 O O   . HOH G 3 .  ? -10.104 17.195  4.931   1.00 21.90 ? 2014 HOH A O   1 
HETATM 598 O O   . HOH G 3 .  ? 6.829   -13.703 -3.418  1.00 23.13 ? 2017 HOH A O   1 
HETATM 599 O O   . HOH G 3 .  ? -11.530 12.648  5.917   1.00 22.09 ? 2020 HOH A O   1 
HETATM 600 O O   . HOH G 3 .  ? 10.389  -5.951  -4.656  1.00 21.57 ? 2021 HOH A O   1 
HETATM 601 O O   . HOH G 3 .  ? -13.792 20.571  3.250   1.00 20.54 ? 2022 HOH A O   1 
HETATM 602 O O   . HOH G 3 .  ? -15.358 25.037  -1.803  1.00 23.69 ? 2025 HOH A O   1 
HETATM 603 O O   . HOH G 3 .  ? -5.064  -1.986  6.836   1.00 14.45 ? 2026 HOH A O   1 
HETATM 604 O O   . HOH G 3 .  ? 24.507  -15.196 3.291   1.00 37.05 ? 2027 HOH A O   1 
HETATM 605 O O   . HOH G 3 .  ? 19.900  -12.299 -0.942  1.00 25.80 ? 2028 HOH A O   1 
HETATM 606 O O   . HOH G 3 .  ? -8.975  6.915   5.121   1.00 30.61 ? 2030 HOH A O   1 
HETATM 607 O O   . HOH G 3 .  ? 0.503   -7.038  -4.161  1.00 29.63 ? 2036 HOH A O   1 
HETATM 608 O O   . HOH G 3 .  ? -6.184  10.038  4.128   1.00 22.68 ? 2037 HOH A O   1 
HETATM 609 O O   . HOH G 3 .  ? -19.261 23.764  -13.044 1.00 23.86 ? 2039 HOH A O   1 
HETATM 610 O O   . HOH G 3 .  ? -12.180 17.365  3.182   1.00 30.67 ? 2041 HOH A O   1 
HETATM 611 O O   . HOH G 3 .  ? -20.077 26.208  -11.983 1.00 57.53 ? 2046 HOH A O   1 
HETATM 612 O O   . HOH H 3 .  ? 6.009   -12.694 5.736   1.00 20.33 ? 1002 HOH B O   1 
HETATM 613 O O   . HOH H 3 .  ? 8.986   -16.526 6.953   1.00 15.55 ? 1006 HOH B O   1 
HETATM 614 O O   . HOH H 3 .  ? 6.218   -13.683 2.234   1.00 23.24 ? 1008 HOH B O   1 
HETATM 615 O O   . HOH H 3 .  ? -17.162 14.630  -10.061 1.00 17.11 ? 1009 HOH B O   1 
HETATM 616 O O   . HOH H 3 .  ? -1.172  3.702   5.031   1.00 15.30 ? 1012 HOH B O   1 
HETATM 617 O O   . HOH H 3 .  ? 11.325  -19.770 1.014   1.00 13.99 ? 1017 HOH B O   1 
HETATM 618 O O   . HOH H 3 .  ? -10.096 12.781  -7.329  1.00 19.62 ? 1018 HOH B O   1 
HETATM 619 O O   . HOH H 3 .  ? 7.531   1.554   3.943   1.00 21.41 ? 1019 HOH B O   1 
HETATM 620 O O   . HOH H 3 .  ? -18.880 16.107  -8.265  1.00 18.08 ? 1022 HOH B O   1 
HETATM 621 O O   . HOH H 3 .  ? 14.002  -18.073 -1.584  1.00 21.51 ? 1026 HOH B O   1 
HETATM 622 O O   . HOH H 3 .  ? 8.185   -14.366 5.720   1.00 16.77 ? 1027 HOH B O   1 
HETATM 623 O O   . HOH H 3 .  ? 1.179   -5.872  4.929   1.00 23.03 ? 1029 HOH B O   1 
HETATM 624 O O   . HOH H 3 .  ? -17.998 19.665  -8.707  1.00 16.55 ? 1030 HOH B O   1 
HETATM 625 O O   . HOH H 3 .  ? -5.255  8.339   -7.493  1.00 22.85 ? 1031 HOH B O   1 
HETATM 626 O O   . HOH H 3 .  ? 3.318   5.233   -2.683  1.00 16.03 ? 1032 HOH B O   1 
HETATM 627 O O   . HOH H 3 .  ? 5.149   -5.116  6.893   1.00 23.50 ? 1033 HOH B O   1 
HETATM 628 O O   . HOH H 3 .  ? 30.610  -25.721 4.380   1.00 43.13 ? 1034 HOH B O   1 
HETATM 629 O O   . HOH H 3 .  ? 2.822   -3.516  7.140   1.00 20.62 ? 1037 HOH B O   1 
HETATM 630 O O   . HOH H 3 .  ? -10.719 17.144  -6.986  1.00 27.10 ? 1038 HOH B O   1 
HETATM 631 O O   . HOH H 3 .  ? -21.043 18.113  -9.219  1.00 16.60 ? 1042 HOH B O   1 
HETATM 632 O O   . HOH H 3 .  ? -7.578  12.052  -7.958  1.00 33.71 ? 1044 HOH B O   1 
HETATM 633 O O   . HOH H 3 .  ? 2.841   2.762   3.460   1.00 13.65 ? 1046 HOH B O   1 
HETATM 634 O O   . HOH H 3 .  ? 13.819  -21.324 1.391   1.00 19.06 ? 1053 HOH B O   1 
HETATM 635 O O   . HOH H 3 .  ? 5.145   3.242   5.963   1.00 14.95 ? 1056 HOH B O   1 
HETATM 636 O O   . HOH H 3 .  ? -23.849 14.704  -2.990  1.00 18.02 ? 1057 HOH B O   1 
HETATM 637 O O   . HOH H 3 .  ? -16.063 10.516  -8.082  1.00 13.97 ? 1061 HOH B O   1 
HETATM 638 O O   . HOH H 3 .  ? 7.304   -6.225  8.094   1.00 24.31 ? 1062 HOH B O   1 
HETATM 639 O O   . HOH H 3 .  ? -1.293  7.402   -2.415  1.00 26.03 ? 1070 HOH B O   1 
HETATM 640 O O   . HOH H 3 .  ? 14.223  -23.852 0.690   1.00 22.20 ? 1071 HOH B O   1 
HETATM 641 O O   . HOH H 3 .  ? 6.768   -7.689  9.983   1.00 18.11 ? 1078 HOH B O   1 
HETATM 642 O O   . HOH H 3 .  ? -9.562  16.789  -4.799  1.00 32.96 ? 1079 HOH B O   1 
HETATM 643 O O   . HOH H 3 .  ? -26.845 17.601  -5.403  1.00 48.32 ? 1084 HOH B O   1 
HETATM 644 O O   . HOH H 3 .  ? 21.322  -21.814 -2.110  1.00 49.18 ? 1085 HOH B O   1 
HETATM 645 O O   . HOH H 3 .  ? 10.954  -8.132  8.906   1.00 18.45 ? 1094 HOH B O   1 
HETATM 646 O O   . HOH H 3 .  ? 2.928   8.701   -1.550  1.00 17.28 ? 1100 HOH B O   1 
HETATM 647 O O   . HOH H 3 .  ? -27.493 21.552  -8.075  1.00 54.79 ? 1101 HOH B O   1 
HETATM 648 O O   . HOH H 3 .  ? 23.744  -21.269 -0.633  1.00 41.10 ? 1102 HOH B O   1 
HETATM 649 O O   . HOH H 3 .  ? -27.438 20.357  -4.400  1.00 30.65 ? 1104 HOH B O   1 
HETATM 650 O O   . HOH H 3 .  ? 18.149  -26.891 2.736   1.00 39.62 ? 1110 HOH B O   1 
HETATM 651 O O   . HOH H 3 .  ? -4.553  11.294  1.515   1.00 27.00 ? 1111 HOH B O   1 
HETATM 652 O O   . HOH H 3 .  ? -8.550  18.737  -3.331  1.00 14.82 ? 2004 HOH B O   1 
HETATM 653 O O   . HOH H 3 .  ? 3.174   3.094   7.900   1.00 11.84 ? 2005 HOH B O   1 
HETATM 654 O O   . HOH H 3 .  ? -22.499 15.908  -9.431  1.00 17.94 ? 2007 HOH B O   1 
HETATM 655 O O   . HOH H 3 .  ? -19.070 12.903  -10.709 1.00 15.93 ? 2008 HOH B O   1 
HETATM 656 O O   . HOH H 3 .  ? 8.705   -13.150 8.503   1.00 18.52 ? 2009 HOH B O   1 
HETATM 657 O O   . HOH H 3 .  ? -16.868 21.868  -9.808  1.00 19.29 ? 2010 HOH B O   1 
HETATM 658 O O   . HOH H 3 .  ? 1.401   3.400   5.721   1.00 16.83 ? 2012 HOH B O   1 
HETATM 659 O O   . HOH H 3 .  ? -7.494  15.498  -5.903  1.00 30.70 ? 2029 HOH B O   1 
HETATM 660 O O   . HOH H 3 .  ? -27.193 17.271  -8.556  1.00 53.13 ? 2033 HOH B O   1 
HETATM 661 O O   . HOH H 3 .  ? 24.830  -22.734 -2.422  0.50 21.20 ? 2034 HOH B O   1 
HETATM 662 O O   . HOH H 3 .  ? 12.423  -22.283 3.853   1.00 22.13 ? 2038 HOH B O   1 
HETATM 663 O O   . HOH H 3 .  ? 2.729   -6.588  7.689   1.00 33.47 ? 2040 HOH B O   1 
HETATM 664 O O   . HOH H 3 .  ? -20.459 14.015  -8.805  1.00 28.95 ? 2042 HOH B O   1 
HETATM 665 O O   . HOH H 3 .  ? 1.083   -8.320  6.613   1.00 37.63 ? 2043 HOH B O   1 
HETATM 666 O O   . HOH H 3 .  ? 19.672  -28.781 1.552   1.00 40.78 ? 2047 HOH B O   1 
HETATM 667 O O   . HOH H 3 .  ? 26.546  -23.170 -3.253  0.50 29.97 ? 3002 HOH B O   1 
HETATM 668 O O   . HOH I 3 .  ? -4.568  5.782   -6.142  1.00 16.85 ? 1001 HOH C O   1 
HETATM 669 O O   . HOH I 3 .  ? -16.357 8.108   -4.177  1.00 15.71 ? 1003 HOH C O   1 
HETATM 670 O O   . HOH I 3 .  ? 3.314   -1.332  -4.708  1.00 12.67 ? 1007 HOH C O   1 
HETATM 671 O O   . HOH I 3 .  ? 12.689  -10.704 7.441   1.00 16.44 ? 1010 HOH C O   1 
HETATM 672 O O   . HOH I 3 .  ? 7.816   -5.784  -5.562  1.00 24.15 ? 1011 HOH C O   1 
HETATM 673 O O   . HOH I 3 .  ? -21.030 14.142  -2.855  1.00 18.34 ? 1016 HOH C O   1 
HETATM 674 O O   . HOH I 3 .  ? 3.139   2.714   -3.743  1.00 15.56 ? 1020 HOH C O   1 
HETATM 675 O O   . HOH I 3 .  ? -18.748 11.283  1.693   1.00 14.91 ? 1021 HOH C O   1 
HETATM 676 O O   . HOH I 3 .  ? -21.560 15.404  0.427   1.00 16.22 ? 1024 HOH C O   1 
HETATM 677 O O   . HOH I 3 .  ? 19.185  -10.982 7.985   1.00 25.64 ? 1025 HOH C O   1 
HETATM 678 O O   . HOH I 3 .  ? 13.780  -18.933 7.447   1.00 20.01 ? 1028 HOH C O   1 
HETATM 679 O O   . HOH I 3 .  ? -16.449 19.729  3.727   1.00 14.36 ? 1035 HOH C O   1 
HETATM 680 O O   . HOH I 3 .  ? -19.184 13.706  0.677   1.00 12.71 ? 1041 HOH C O   1 
HETATM 681 O O   . HOH I 3 .  ? 11.609  -3.889  -0.167  1.00 13.01 ? 1049 HOH C O   1 
HETATM 682 O O   . HOH I 3 .  ? -4.749  1.636   -5.716  1.00 20.15 ? 1050 HOH C O   1 
HETATM 683 O O   . HOH I 3 .  ? 16.771  -8.195  -0.834  1.00 15.40 ? 1052 HOH C O   1 
HETATM 684 O O   . HOH I 3 .  ? 5.825   -1.962  -5.430  1.00 18.21 ? 1055 HOH C O   1 
HETATM 685 O O   . HOH I 3 .  ? -20.287 21.900  2.814   1.00 25.40 ? 1059 HOH C O   1 
HETATM 686 O O   . HOH I 3 .  ? -22.232 22.598  1.549   1.00 23.66 ? 1063 HOH C O   1 
HETATM 687 O O   . HOH I 3 .  ? -25.986 22.648  0.144   1.00 34.00 ? 1066 HOH C O   1 
HETATM 688 O O   . HOH I 3 .  ? -2.312  -3.888  -5.336  1.00 14.66 ? 1067 HOH C O   1 
HETATM 689 O O   . HOH I 3 .  ? 16.339  -17.720 9.222   1.00 42.34 ? 1068 HOH C O   1 
HETATM 690 O O   . HOH I 3 .  ? -14.239 6.660   -3.800  1.00 21.33 ? 1069 HOH C O   1 
HETATM 691 O O   . HOH I 3 .  ? 16.658  -10.575 6.044   1.00 18.63 ? 1076 HOH C O   1 
HETATM 692 O O   . HOH I 3 .  ? -13.636 9.270   -6.450  1.00 27.38 ? 1081 HOH C O   1 
HETATM 693 O O   . HOH I 3 .  ? 14.511  -8.117  6.127   1.00 27.12 ? 1086 HOH C O   1 
HETATM 694 O O   . HOH I 3 .  ? -11.552 5.647   -1.441  1.00 15.13 ? 1087 HOH C O   1 
HETATM 695 O O   . HOH I 3 .  ? 15.376  -4.701  -0.143  1.00 31.70 ? 1088 HOH C O   1 
HETATM 696 O O   . HOH I 3 .  ? -21.123 31.530  -1.814  1.00 43.53 ? 1089 HOH C O   1 
HETATM 697 O O   . HOH I 3 .  ? -7.519  4.157   -6.824  1.00 17.04 ? 1095 HOH C O   1 
HETATM 698 O O   . HOH I 3 .  ? -3.344  -0.109  -7.707  1.00 23.02 ? 1096 HOH C O   1 
HETATM 699 O O   . HOH I 3 .  ? 10.074  -1.480  -0.287  1.00 21.67 ? 1097 HOH C O   1 
HETATM 700 O O   . HOH I 3 .  ? 18.422  -19.231 9.148   1.00 28.01 ? 1098 HOH C O   1 
HETATM 701 O O   . HOH I 3 .  ? -24.024 25.050  1.662   1.00 34.45 ? 1106 HOH C O   1 
HETATM 702 O O   . HOH I 3 .  ? 19.034  -23.922 11.225  1.00 45.00 ? 1109 HOH C O   1 
HETATM 703 O O   . HOH I 3 .  ? 20.787  -17.448 9.393   1.00 35.03 ? 2001 HOH C O   1 
HETATM 704 O O   . HOH I 3 .  ? 15.242  -9.912  8.347   1.00 18.98 ? 2006 HOH C O   1 
HETATM 705 O O   . HOH I 3 .  ? -13.480 4.022   -4.562  1.00 17.41 ? 2011 HOH C O   1 
HETATM 706 O O   . HOH I 3 .  ? -8.772  1.597   -6.599  1.00 18.89 ? 2013 HOH C O   1 
HETATM 707 O O   . HOH I 3 .  ? -5.636  -1.318  -8.130  1.00 14.70 ? 2015 HOH C O   1 
HETATM 708 O O   . HOH I 3 .  ? 16.102  -15.057 10.867  1.00 23.46 ? 2016 HOH C O   1 
HETATM 709 O O   . HOH I 3 .  ? 13.610  -7.559  8.311   1.00 22.34 ? 2018 HOH C O   1 
HETATM 710 O O   . HOH I 3 .  ? -6.903  -0.107  -6.050  1.00 18.20 ? 2019 HOH C O   1 
HETATM 711 O O   . HOH I 3 .  ? -15.605 5.631   -1.557  1.00 21.20 ? 2023 HOH C O   1 
HETATM 712 O O   . HOH I 3 .  ? -13.613 6.288   0.325   1.00 19.21 ? 2024 HOH C O   1 
HETATM 713 O O   . HOH I 3 .  ? -2.646  7.952   -5.666  1.00 39.05 ? 2031 HOH C O   1 
HETATM 714 O O   . HOH I 3 .  ? -24.374 21.368  2.171   1.00 41.99 ? 2032 HOH C O   1 
HETATM 715 O O   . HOH I 3 .  ? 13.795  -21.320 6.345   1.00 20.17 ? 2035 HOH C O   1 
HETATM 716 O O   . HOH I 3 .  ? 17.057  -21.198 9.703   1.00 25.00 ? 2044 HOH C O   1 
HETATM 717 O O   . HOH I 3 .  ? 13.895  -3.006  0.757   1.00 32.90 ? 2045 HOH C O   1 
HETATM 718 O O   . HOH I 3 .  ? -1.372  9.832   -3.983  1.00 38.65 ? 2048 HOH C O   1 
HETATM 719 O O   . HOH I 3 .  ? -7.542  -1.775  -4.066  1.00 21.82 ? 3001 HOH C O   1 
# 
loop_
_pdbx_poly_seq_scheme.asym_id 
_pdbx_poly_seq_scheme.entity_id 
_pdbx_poly_seq_scheme.seq_id 
_pdbx_poly_seq_scheme.mon_id 
_pdbx_poly_seq_scheme.ndb_seq_num 
_pdbx_poly_seq_scheme.pdb_seq_num 
_pdbx_poly_seq_scheme.auth_seq_num 
_pdbx_poly_seq_scheme.pdb_mon_id 
_pdbx_poly_seq_scheme.auth_mon_id 
_pdbx_poly_seq_scheme.pdb_strand_id 
_pdbx_poly_seq_scheme.pdb_ins_code 
_pdbx_poly_seq_scheme.hetero 
A 1 1  PRO 1  1  ?  ?   ?   A . n 
A 1 2  HYP 2  2  2  HYP HYP A . n 
A 1 3  GLY 3  3  3  GLY GLY A . n 
A 1 4  PRO 4  4  4  PRO PRO A . n 
A 1 5  HYP 5  5  5  HYP HYP A . n 
A 1 6  GLY 6  6  6  GLY GLY A . n 
A 1 7  PRO 7  7  7  PRO PRO A . n 
A 1 8  HYP 8  8  8  HYP HYP A . n 
A 1 9  GLY 9  9  9  GLY GLY A . n 
A 1 10 PRO 10 10 10 PRO PRO A . n 
A 1 11 HYP 11 11 11 HYP HYP A . n 
A 1 12 GLY 12 12 12 GLY GLY A . n 
A 1 13 LEU 13 13 13 LEU LEU A . n 
A 1 14 HYP 14 14 14 HYP HYP A . n 
A 1 15 GLY 15 15 15 GLY GLY A . n 
A 1 16 PRO 16 16 16 PRO PRO A . n 
A 1 17 HYP 17 17 17 HYP HYP A . n 
A 1 18 GLY 18 18 18 GLY GLY A . n 
A 1 19 PRO 19 19 19 PRO PRO A . n 
A 1 20 HYP 20 20 20 HYP HYP A . n 
A 1 21 GLY 21 21 21 GLY GLY A . n 
A 1 22 PRO 22 22 22 PRO PRO A . n 
A 1 23 HYP 23 23 23 HYP HYP A . n 
A 1 24 GLY 24 24 24 GLY GLY A . n 
A 1 25 PRO 25 25 25 PRO PRO A . n 
A 1 26 HYP 26 26 26 HYP HYP A . n 
A 1 27 GLY 27 27 27 GLY GLY A . n 
A 1 28 PRO 28 28 28 PRO PRO A . n 
A 1 29 HYP 29 29 29 HYP HYP A . n 
A 1 30 GLY 30 30 30 GLY GLY A . n 
B 1 1  PRO 1  1  ?  ?   ?   B . n 
B 1 2  HYP 2  2  2  HYP HYP B . n 
B 1 3  GLY 3  3  3  GLY GLY B . n 
B 1 4  PRO 4  4  4  PRO PRO B . n 
B 1 5  HYP 5  5  5  HYP HYP B . n 
B 1 6  GLY 6  6  6  GLY GLY B . n 
B 1 7  PRO 7  7  7  PRO PRO B . n 
B 1 8  HYP 8  8  8  HYP HYP B . n 
B 1 9  GLY 9  9  9  GLY GLY B . n 
B 1 10 PRO 10 10 10 PRO PRO B . n 
B 1 11 HYP 11 11 11 HYP HYP B . n 
B 1 12 GLY 12 12 12 GLY GLY B . n 
B 1 13 LEU 13 13 13 LEU LEU B . n 
B 1 14 HYP 14 14 14 HYP HYP B . n 
B 1 15 GLY 15 15 15 GLY GLY B . n 
B 1 16 PRO 16 16 16 PRO PRO B . n 
B 1 17 HYP 17 17 17 HYP HYP B . n 
B 1 18 GLY 18 18 18 GLY GLY B . n 
B 1 19 PRO 19 19 19 PRO PRO B . n 
B 1 20 HYP 20 20 20 HYP HYP B . n 
B 1 21 GLY 21 21 21 GLY GLY B . n 
B 1 22 PRO 22 22 22 PRO PRO B . n 
B 1 23 HYP 23 23 23 HYP HYP B . n 
B 1 24 GLY 24 24 24 GLY GLY B . n 
B 1 25 PRO 25 25 25 PRO PRO B . n 
B 1 26 HYP 26 26 26 HYP HYP B . n 
B 1 27 GLY 27 27 27 GLY GLY B . n 
B 1 28 PRO 28 28 28 PRO PRO B . n 
B 1 29 HYP 29 29 29 HYP HYP B . n 
B 1 30 GLY 30 30 30 GLY GLY B . n 
C 1 1  PRO 1  1  1  PRO PRO C . n 
C 1 2  HYP 2  2  2  HYP HYP C . n 
C 1 3  GLY 3  3  3  GLY GLY C . n 
C 1 4  PRO 4  4  4  PRO PRO C . n 
C 1 5  HYP 5  5  5  HYP HYP C . n 
C 1 6  GLY 6  6  6  GLY GLY C . n 
C 1 7  PRO 7  7  7  PRO PRO C . n 
C 1 8  HYP 8  8  8  HYP HYP C . n 
C 1 9  GLY 9  9  9  GLY GLY C . n 
C 1 10 PRO 10 10 10 PRO PRO C . n 
C 1 11 HYP 11 11 11 HYP HYP C . n 
C 1 12 GLY 12 12 12 GLY GLY C . n 
C 1 13 LEU 13 13 13 LEU LEU C . n 
C 1 14 HYP 14 14 14 HYP HYP C . n 
C 1 15 GLY 15 15 15 GLY GLY C . n 
C 1 16 PRO 16 16 16 PRO PRO C . n 
C 1 17 HYP 17 17 17 HYP HYP C . n 
C 1 18 GLY 18 18 18 GLY GLY C . n 
C 1 19 PRO 19 19 19 PRO PRO C . n 
C 1 20 HYP 20 20 20 HYP HYP C . n 
C 1 21 GLY 21 21 21 GLY GLY C . n 
C 1 22 PRO 22 22 22 PRO PRO C . n 
C 1 23 HYP 23 23 23 HYP HYP C . n 
C 1 24 GLY 24 24 24 GLY GLY C . n 
C 1 25 PRO 25 25 25 PRO PRO C . n 
C 1 26 HYP 26 26 26 HYP HYP C . n 
C 1 27 GLY 27 27 27 GLY GLY C . n 
C 1 28 PRO 28 28 28 PRO PRO C . n 
C 1 29 HYP 29 29 ?  ?   ?   C . n 
C 1 30 GLY 30 30 ?  ?   ?   C . n 
# 
loop_
_pdbx_nonpoly_scheme.asym_id 
_pdbx_nonpoly_scheme.entity_id 
_pdbx_nonpoly_scheme.mon_id 
_pdbx_nonpoly_scheme.ndb_seq_num 
_pdbx_nonpoly_scheme.pdb_seq_num 
_pdbx_nonpoly_scheme.auth_seq_num 
_pdbx_nonpoly_scheme.pdb_mon_id 
_pdbx_nonpoly_scheme.auth_mon_id 
_pdbx_nonpoly_scheme.pdb_strand_id 
_pdbx_nonpoly_scheme.pdb_ins_code 
D 2 EOH 1  101  101  EOH ETA A . 
E 2 EOH 1  102  102  EOH ETA A . 
F 2 EOH 1  103  103  EOH ETA A . 
G 3 HOH 1  1004 1004 HOH HOH A . 
G 3 HOH 2  1005 1005 HOH HOH A . 
G 3 HOH 3  1013 1013 HOH HOH A . 
G 3 HOH 4  1014 1014 HOH HOH A . 
G 3 HOH 5  1015 1015 HOH HOH A . 
G 3 HOH 6  1023 1023 HOH HOH A . 
G 3 HOH 7  1036 1036 HOH HOH A . 
G 3 HOH 8  1039 1039 HOH HOH A . 
G 3 HOH 9  1040 1040 HOH HOH A . 
G 3 HOH 10 1043 1043 HOH HOH A . 
G 3 HOH 11 1045 1045 HOH HOH A . 
G 3 HOH 12 1047 1047 HOH HOH A . 
G 3 HOH 13 1048 1048 HOH HOH A . 
G 3 HOH 14 1051 1051 HOH HOH A . 
G 3 HOH 15 1054 1054 HOH HOH A . 
G 3 HOH 16 1058 1058 HOH HOH A . 
G 3 HOH 17 1060 1060 HOH HOH A . 
G 3 HOH 18 1064 1064 HOH HOH A . 
G 3 HOH 19 1065 1065 HOH HOH A . 
G 3 HOH 20 1072 1072 HOH HOH A . 
G 3 HOH 21 1073 1073 HOH HOH A . 
G 3 HOH 22 1074 1074 HOH HOH A . 
G 3 HOH 23 1075 1075 HOH HOH A . 
G 3 HOH 24 1077 1077 HOH HOH A . 
G 3 HOH 25 1080 1080 HOH HOH A . 
G 3 HOH 26 1082 1082 HOH HOH A . 
G 3 HOH 27 1083 1083 HOH HOH A . 
G 3 HOH 28 1090 1090 HOH HOH A . 
G 3 HOH 29 1091 1091 HOH HOH A . 
G 3 HOH 30 1092 1092 HOH HOH A . 
G 3 HOH 31 1093 1093 HOH HOH A . 
G 3 HOH 32 1099 1099 HOH HOH A . 
G 3 HOH 33 1103 1103 HOH HOH A . 
G 3 HOH 34 1105 1105 HOH HOH A . 
G 3 HOH 35 1107 1107 HOH HOH A . 
G 3 HOH 36 1108 1108 HOH HOH A . 
G 3 HOH 37 2002 2002 HOH HOH A . 
G 3 HOH 38 2003 2003 HOH HOH A . 
G 3 HOH 39 2014 2014 HOH HOH A . 
G 3 HOH 40 2017 2017 HOH HOH A . 
G 3 HOH 41 2020 2020 HOH HOH A . 
G 3 HOH 42 2021 2021 HOH HOH A . 
G 3 HOH 43 2022 2022 HOH HOH A . 
G 3 HOH 44 2025 2025 HOH HOH A . 
G 3 HOH 45 2026 2026 HOH HOH A . 
G 3 HOH 46 2027 2027 HOH HOH A . 
G 3 HOH 47 2028 2028 HOH HOH A . 
G 3 HOH 48 2030 2030 HOH HOH A . 
G 3 HOH 49 2036 2036 HOH HOH A . 
G 3 HOH 50 2037 2037 HOH HOH A . 
G 3 HOH 51 2039 2039 HOH HOH A . 
G 3 HOH 52 2041 2041 HOH HOH A . 
G 3 HOH 53 2046 2046 HOH HOH A . 
H 3 HOH 1  1002 1002 HOH HOH B . 
H 3 HOH 2  1006 1006 HOH HOH B . 
H 3 HOH 3  1008 1008 HOH HOH B . 
H 3 HOH 4  1009 1009 HOH HOH B . 
H 3 HOH 5  1012 1012 HOH HOH B . 
H 3 HOH 6  1017 1017 HOH HOH B . 
H 3 HOH 7  1018 1018 HOH HOH B . 
H 3 HOH 8  1019 1019 HOH HOH B . 
H 3 HOH 9  1022 1022 HOH HOH B . 
H 3 HOH 10 1026 1026 HOH HOH B . 
H 3 HOH 11 1027 1027 HOH HOH B . 
H 3 HOH 12 1029 1029 HOH HOH B . 
H 3 HOH 13 1030 1030 HOH HOH B . 
H 3 HOH 14 1031 1031 HOH HOH B . 
H 3 HOH 15 1032 1032 HOH HOH B . 
H 3 HOH 16 1033 1033 HOH HOH B . 
H 3 HOH 17 1034 1034 HOH HOH B . 
H 3 HOH 18 1037 1037 HOH HOH B . 
H 3 HOH 19 1038 1038 HOH HOH B . 
H 3 HOH 20 1042 1042 HOH HOH B . 
H 3 HOH 21 1044 1044 HOH HOH B . 
H 3 HOH 22 1046 1046 HOH HOH B . 
H 3 HOH 23 1053 1053 HOH HOH B . 
H 3 HOH 24 1056 1056 HOH HOH B . 
H 3 HOH 25 1057 1057 HOH HOH B . 
H 3 HOH 26 1061 1061 HOH HOH B . 
H 3 HOH 27 1062 1062 HOH HOH B . 
H 3 HOH 28 1070 1070 HOH HOH B . 
H 3 HOH 29 1071 1071 HOH HOH B . 
H 3 HOH 30 1078 1078 HOH HOH B . 
H 3 HOH 31 1079 1079 HOH HOH B . 
H 3 HOH 32 1084 1084 HOH HOH B . 
H 3 HOH 33 1085 1085 HOH HOH B . 
H 3 HOH 34 1094 1094 HOH HOH B . 
H 3 HOH 35 1100 1100 HOH HOH B . 
H 3 HOH 36 1101 1101 HOH HOH B . 
H 3 HOH 37 1102 1102 HOH HOH B . 
H 3 HOH 38 1104 1104 HOH HOH B . 
H 3 HOH 39 1110 1110 HOH HOH B . 
H 3 HOH 40 1111 1111 HOH HOH B . 
H 3 HOH 41 2004 2004 HOH HOH B . 
H 3 HOH 42 2005 2005 HOH HOH B . 
H 3 HOH 43 2007 2007 HOH HOH B . 
H 3 HOH 44 2008 2008 HOH HOH B . 
H 3 HOH 45 2009 2009 HOH HOH B . 
H 3 HOH 46 2010 2010 HOH HOH B . 
H 3 HOH 47 2012 2012 HOH HOH B . 
H 3 HOH 48 2029 2029 HOH HOH B . 
H 3 HOH 49 2033 2033 HOH HOH B . 
H 3 HOH 50 2034 2034 HOH HOH B . 
H 3 HOH 51 2038 2038 HOH HOH B . 
H 3 HOH 52 2040 2040 HOH HOH B . 
H 3 HOH 53 2042 2042 HOH HOH B . 
H 3 HOH 54 2043 2043 HOH HOH B . 
H 3 HOH 55 2047 2047 HOH HOH B . 
H 3 HOH 56 3002 3002 HOH HOH B . 
I 3 HOH 1  1001 1001 HOH HOH C . 
I 3 HOH 2  1003 1003 HOH HOH C . 
I 3 HOH 3  1007 1007 HOH HOH C . 
I 3 HOH 4  1010 1010 HOH HOH C . 
I 3 HOH 5  1011 1011 HOH HOH C . 
I 3 HOH 6  1016 1016 HOH HOH C . 
I 3 HOH 7  1020 1020 HOH HOH C . 
I 3 HOH 8  1021 1021 HOH HOH C . 
I 3 HOH 9  1024 1024 HOH HOH C . 
I 3 HOH 10 1025 1025 HOH HOH C . 
I 3 HOH 11 1028 1028 HOH HOH C . 
I 3 HOH 12 1035 1035 HOH HOH C . 
I 3 HOH 13 1041 1041 HOH HOH C . 
I 3 HOH 14 1049 1049 HOH HOH C . 
I 3 HOH 15 1050 1050 HOH HOH C . 
I 3 HOH 16 1052 1052 HOH HOH C . 
I 3 HOH 17 1055 1055 HOH HOH C . 
I 3 HOH 18 1059 1059 HOH HOH C . 
I 3 HOH 19 1063 1063 HOH HOH C . 
I 3 HOH 20 1066 1066 HOH HOH C . 
I 3 HOH 21 1067 1067 HOH HOH C . 
I 3 HOH 22 1068 1068 HOH HOH C . 
I 3 HOH 23 1069 1069 HOH HOH C . 
I 3 HOH 24 1076 1076 HOH HOH C . 
I 3 HOH 25 1081 1081 HOH HOH C . 
I 3 HOH 26 1086 1086 HOH HOH C . 
I 3 HOH 27 1087 1087 HOH HOH C . 
I 3 HOH 28 1088 1088 HOH HOH C . 
I 3 HOH 29 1089 1089 HOH HOH C . 
I 3 HOH 30 1095 1095 HOH HOH C . 
I 3 HOH 31 1096 1096 HOH HOH C . 
I 3 HOH 32 1097 1097 HOH HOH C . 
I 3 HOH 33 1098 1098 HOH HOH C . 
I 3 HOH 34 1106 1106 HOH HOH C . 
I 3 HOH 35 1109 1109 HOH HOH C . 
I 3 HOH 36 2001 2001 HOH HOH C . 
I 3 HOH 37 2006 2006 HOH HOH C . 
I 3 HOH 38 2011 2011 HOH HOH C . 
I 3 HOH 39 2013 2013 HOH HOH C . 
I 3 HOH 40 2015 2015 HOH HOH C . 
I 3 HOH 41 2016 2016 HOH HOH C . 
I 3 HOH 42 2018 2018 HOH HOH C . 
I 3 HOH 43 2019 2019 HOH HOH C . 
I 3 HOH 44 2023 2023 HOH HOH C . 
I 3 HOH 45 2024 2024 HOH HOH C . 
I 3 HOH 46 2031 2031 HOH HOH C . 
I 3 HOH 47 2032 2032 HOH HOH C . 
I 3 HOH 48 2035 2035 HOH HOH C . 
I 3 HOH 49 2044 2044 HOH HOH C . 
I 3 HOH 50 2045 2045 HOH HOH C . 
I 3 HOH 51 2048 2048 HOH HOH C . 
I 3 HOH 52 3001 3001 HOH HOH C . 
# 
loop_
_pdbx_struct_mod_residue.id 
_pdbx_struct_mod_residue.label_asym_id 
_pdbx_struct_mod_residue.label_comp_id 
_pdbx_struct_mod_residue.label_seq_id 
_pdbx_struct_mod_residue.auth_asym_id 
_pdbx_struct_mod_residue.auth_comp_id 
_pdbx_struct_mod_residue.auth_seq_id 
_pdbx_struct_mod_residue.PDB_ins_code 
_pdbx_struct_mod_residue.parent_comp_id 
_pdbx_struct_mod_residue.details 
1  A HYP 2  A HYP 2  ? PRO 4-HYDROXYPROLINE 
2  A HYP 5  A HYP 5  ? PRO 4-HYDROXYPROLINE 
3  A HYP 8  A HYP 8  ? PRO 4-HYDROXYPROLINE 
4  A HYP 11 A HYP 11 ? PRO 4-HYDROXYPROLINE 
5  A HYP 14 A HYP 14 ? PRO 4-HYDROXYPROLINE 
6  A HYP 17 A HYP 17 ? PRO 4-HYDROXYPROLINE 
7  A HYP 20 A HYP 20 ? PRO 4-HYDROXYPROLINE 
8  A HYP 23 A HYP 23 ? PRO 4-HYDROXYPROLINE 
9  A HYP 26 A HYP 26 ? PRO 4-HYDROXYPROLINE 
10 A HYP 29 A HYP 29 ? PRO 4-HYDROXYPROLINE 
11 B HYP 2  B HYP 2  ? PRO 4-HYDROXYPROLINE 
12 B HYP 5  B HYP 5  ? PRO 4-HYDROXYPROLINE 
13 B HYP 8  B HYP 8  ? PRO 4-HYDROXYPROLINE 
14 B HYP 11 B HYP 11 ? PRO 4-HYDROXYPROLINE 
15 B HYP 14 B HYP 14 ? PRO 4-HYDROXYPROLINE 
16 B HYP 17 B HYP 17 ? PRO 4-HYDROXYPROLINE 
17 B HYP 20 B HYP 20 ? PRO 4-HYDROXYPROLINE 
18 B HYP 23 B HYP 23 ? PRO 4-HYDROXYPROLINE 
19 B HYP 26 B HYP 26 ? PRO 4-HYDROXYPROLINE 
20 B HYP 29 B HYP 29 ? PRO 4-HYDROXYPROLINE 
21 C HYP 2  C HYP 2  ? PRO 4-HYDROXYPROLINE 
22 C HYP 5  C HYP 5  ? PRO 4-HYDROXYPROLINE 
23 C HYP 8  C HYP 8  ? PRO 4-HYDROXYPROLINE 
24 C HYP 11 C HYP 11 ? PRO 4-HYDROXYPROLINE 
25 C HYP 14 C HYP 14 ? PRO 4-HYDROXYPROLINE 
26 C HYP 17 C HYP 17 ? PRO 4-HYDROXYPROLINE 
27 C HYP 20 C HYP 20 ? PRO 4-HYDROXYPROLINE 
28 C HYP 23 C HYP 23 ? PRO 4-HYDROXYPROLINE 
29 C HYP 26 C HYP 26 ? PRO 4-HYDROXYPROLINE 
# 
_pdbx_struct_assembly.id                   1 
_pdbx_struct_assembly.details              author_and_software_defined_assembly 
_pdbx_struct_assembly.method_details       PISA 
_pdbx_struct_assembly.oligomeric_details   trimeric 
_pdbx_struct_assembly.oligomeric_count     3 
# 
_pdbx_struct_assembly_gen.assembly_id       1 
_pdbx_struct_assembly_gen.oper_expression   1 
_pdbx_struct_assembly_gen.asym_id_list      A,B,C,D,E,F,G,H,I 
# 
loop_
_pdbx_struct_assembly_prop.biol_id 
_pdbx_struct_assembly_prop.type 
_pdbx_struct_assembly_prop.value 
_pdbx_struct_assembly_prop.details 
1 'ABSA (A^2)' 5320 ? 
1 MORE         -23  ? 
1 'SSA (A^2)'  4990 ? 
# 
_pdbx_struct_oper_list.id                   1 
_pdbx_struct_oper_list.type                 'identity operation' 
_pdbx_struct_oper_list.name                 1_555 
_pdbx_struct_oper_list.symmetry_operation   x,y,z 
_pdbx_struct_oper_list.matrix[1][1]         1.0000000000 
_pdbx_struct_oper_list.matrix[1][2]         0.0000000000 
_pdbx_struct_oper_list.matrix[1][3]         0.0000000000 
_pdbx_struct_oper_list.vector[1]            0.0000000000 
_pdbx_struct_oper_list.matrix[2][1]         0.0000000000 
_pdbx_struct_oper_list.matrix[2][2]         1.0000000000 
_pdbx_struct_oper_list.matrix[2][3]         0.0000000000 
_pdbx_struct_oper_list.vector[2]            0.0000000000 
_pdbx_struct_oper_list.matrix[3][1]         0.0000000000 
_pdbx_struct_oper_list.matrix[3][2]         0.0000000000 
_pdbx_struct_oper_list.matrix[3][3]         1.0000000000 
_pdbx_struct_oper_list.vector[3]            0.0000000000 
# 
loop_
_pdbx_audit_revision_history.ordinal 
_pdbx_audit_revision_history.data_content_type 
_pdbx_audit_revision_history.major_revision 
_pdbx_audit_revision_history.minor_revision 
_pdbx_audit_revision_history.revision_date 
1 'Structure model' 1 0 2007-04-24 
2 'Structure model' 1 1 2008-04-30 
3 'Structure model' 1 2 2011-07-13 
4 'Structure model' 1 3 2023-10-25 
# 
_pdbx_audit_revision_details.ordinal             1 
_pdbx_audit_revision_details.revision_ordinal    1 
_pdbx_audit_revision_details.data_content_type   'Structure model' 
_pdbx_audit_revision_details.provider            repository 
_pdbx_audit_revision_details.type                'Initial release' 
_pdbx_audit_revision_details.description         ? 
_pdbx_audit_revision_details.details             ? 
# 
loop_
_pdbx_audit_revision_group.ordinal 
_pdbx_audit_revision_group.revision_ordinal 
_pdbx_audit_revision_group.data_content_type 
_pdbx_audit_revision_group.group 
1 2 'Structure model' 'Version format compliance' 
2 3 'Structure model' 'Version format compliance' 
3 4 'Structure model' 'Data collection'           
4 4 'Structure model' 'Database references'       
5 4 'Structure model' 'Derived calculations'      
6 4 'Structure model' 'Refinement description'    
# 
loop_
_pdbx_audit_revision_category.ordinal 
_pdbx_audit_revision_category.revision_ordinal 
_pdbx_audit_revision_category.data_content_type 
_pdbx_audit_revision_category.category 
1 4 'Structure model' chem_comp_atom                
2 4 'Structure model' chem_comp_bond                
3 4 'Structure model' database_2                    
4 4 'Structure model' pdbx_initial_refinement_model 
5 4 'Structure model' struct_conn                   
6 4 'Structure model' struct_site                   
# 
loop_
_pdbx_audit_revision_item.ordinal 
_pdbx_audit_revision_item.revision_ordinal 
_pdbx_audit_revision_item.data_content_type 
_pdbx_audit_revision_item.item 
1 4 'Structure model' '_database_2.pdbx_DOI'                
2 4 'Structure model' '_database_2.pdbx_database_accession' 
3 4 'Structure model' '_struct_conn.pdbx_leaving_atom_flag' 
4 4 'Structure model' '_struct_site.pdbx_auth_asym_id'      
5 4 'Structure model' '_struct_site.pdbx_auth_comp_id'      
6 4 'Structure model' '_struct_site.pdbx_auth_seq_id'       
# 
loop_
_software.name 
_software.classification 
_software.version 
_software.citation_id 
_software.pdbx_ordinal 
SHELX     'model building'  . ? 1 
SHELXL-97 refinement        . ? 2 
ADSC      'data collection' . ? 3 
HKL-2000  'data scaling'    . ? 4 
X-PLOR    phasing           . ? 5 
# 
loop_
_pdbx_unobs_or_zero_occ_residues.id 
_pdbx_unobs_or_zero_occ_residues.PDB_model_num 
_pdbx_unobs_or_zero_occ_residues.polymer_flag 
_pdbx_unobs_or_zero_occ_residues.occupancy_flag 
_pdbx_unobs_or_zero_occ_residues.auth_asym_id 
_pdbx_unobs_or_zero_occ_residues.auth_comp_id 
_pdbx_unobs_or_zero_occ_residues.auth_seq_id 
_pdbx_unobs_or_zero_occ_residues.PDB_ins_code 
_pdbx_unobs_or_zero_occ_residues.label_asym_id 
_pdbx_unobs_or_zero_occ_residues.label_comp_id 
_pdbx_unobs_or_zero_occ_residues.label_seq_id 
1 1 Y 1 A PRO 1  ? A PRO 1  
2 1 Y 1 B PRO 1  ? B PRO 1  
3 1 Y 1 C HYP 29 ? C HYP 29 
4 1 Y 1 C GLY 30 ? C GLY 30 
# 
loop_
_chem_comp_atom.comp_id 
_chem_comp_atom.atom_id 
_chem_comp_atom.type_symbol 
_chem_comp_atom.pdbx_aromatic_flag 
_chem_comp_atom.pdbx_stereo_config 
_chem_comp_atom.pdbx_ordinal 
EOH C1   C N N 1  
EOH C2   C N N 2  
EOH O    O N N 3  
EOH H11  H N N 4  
EOH H12  H N N 5  
EOH H21  H N N 6  
EOH H22  H N N 7  
EOH H23  H N N 8  
EOH HO   H N N 9  
GLY N    N N N 10 
GLY CA   C N N 11 
GLY C    C N N 12 
GLY O    O N N 13 
GLY OXT  O N N 14 
GLY H    H N N 15 
GLY H2   H N N 16 
GLY HA2  H N N 17 
GLY HA3  H N N 18 
GLY HXT  H N N 19 
HOH O    O N N 20 
HOH H1   H N N 21 
HOH H2   H N N 22 
HYP N    N N N 23 
HYP CA   C N S 24 
HYP C    C N N 25 
HYP O    O N N 26 
HYP CB   C N N 27 
HYP CG   C N R 28 
HYP CD   C N N 29 
HYP OD1  O N N 30 
HYP OXT  O N N 31 
HYP H    H N N 32 
HYP HA   H N N 33 
HYP HB2  H N N 34 
HYP HB3  H N N 35 
HYP HG   H N N 36 
HYP HD22 H N N 37 
HYP HD23 H N N 38 
HYP HD1  H N N 39 
HYP HXT  H N N 40 
LEU N    N N N 41 
LEU CA   C N S 42 
LEU C    C N N 43 
LEU O    O N N 44 
LEU CB   C N N 45 
LEU CG   C N N 46 
LEU CD1  C N N 47 
LEU CD2  C N N 48 
LEU OXT  O N N 49 
LEU H    H N N 50 
LEU H2   H N N 51 
LEU HA   H N N 52 
LEU HB2  H N N 53 
LEU HB3  H N N 54 
LEU HG   H N N 55 
LEU HD11 H N N 56 
LEU HD12 H N N 57 
LEU HD13 H N N 58 
LEU HD21 H N N 59 
LEU HD22 H N N 60 
LEU HD23 H N N 61 
LEU HXT  H N N 62 
PRO N    N N N 63 
PRO CA   C N S 64 
PRO C    C N N 65 
PRO O    O N N 66 
PRO CB   C N N 67 
PRO CG   C N N 68 
PRO CD   C N N 69 
PRO OXT  O N N 70 
PRO H    H N N 71 
PRO HA   H N N 72 
PRO HB2  H N N 73 
PRO HB3  H N N 74 
PRO HG2  H N N 75 
PRO HG3  H N N 76 
PRO HD2  H N N 77 
PRO HD3  H N N 78 
PRO HXT  H N N 79 
# 
loop_
_chem_comp_bond.comp_id 
_chem_comp_bond.atom_id_1 
_chem_comp_bond.atom_id_2 
_chem_comp_bond.value_order 
_chem_comp_bond.pdbx_aromatic_flag 
_chem_comp_bond.pdbx_stereo_config 
_chem_comp_bond.pdbx_ordinal 
EOH C1  C2   sing N N 1  
EOH C1  O    sing N N 2  
EOH C1  H11  sing N N 3  
EOH C1  H12  sing N N 4  
EOH C2  H21  sing N N 5  
EOH C2  H22  sing N N 6  
EOH C2  H23  sing N N 7  
EOH O   HO   sing N N 8  
GLY N   CA   sing N N 9  
GLY N   H    sing N N 10 
GLY N   H2   sing N N 11 
GLY CA  C    sing N N 12 
GLY CA  HA2  sing N N 13 
GLY CA  HA3  sing N N 14 
GLY C   O    doub N N 15 
GLY C   OXT  sing N N 16 
GLY OXT HXT  sing N N 17 
HOH O   H1   sing N N 18 
HOH O   H2   sing N N 19 
HYP N   CA   sing N N 20 
HYP N   CD   sing N N 21 
HYP N   H    sing N N 22 
HYP CA  C    sing N N 23 
HYP CA  CB   sing N N 24 
HYP CA  HA   sing N N 25 
HYP C   O    doub N N 26 
HYP C   OXT  sing N N 27 
HYP CB  CG   sing N N 28 
HYP CB  HB2  sing N N 29 
HYP CB  HB3  sing N N 30 
HYP CG  CD   sing N N 31 
HYP CG  OD1  sing N N 32 
HYP CG  HG   sing N N 33 
HYP CD  HD22 sing N N 34 
HYP CD  HD23 sing N N 35 
HYP OD1 HD1  sing N N 36 
HYP OXT HXT  sing N N 37 
LEU N   CA   sing N N 38 
LEU N   H    sing N N 39 
LEU N   H2   sing N N 40 
LEU CA  C    sing N N 41 
LEU CA  CB   sing N N 42 
LEU CA  HA   sing N N 43 
LEU C   O    doub N N 44 
LEU C   OXT  sing N N 45 
LEU CB  CG   sing N N 46 
LEU CB  HB2  sing N N 47 
LEU CB  HB3  sing N N 48 
LEU CG  CD1  sing N N 49 
LEU CG  CD2  sing N N 50 
LEU CG  HG   sing N N 51 
LEU CD1 HD11 sing N N 52 
LEU CD1 HD12 sing N N 53 
LEU CD1 HD13 sing N N 54 
LEU CD2 HD21 sing N N 55 
LEU CD2 HD22 sing N N 56 
LEU CD2 HD23 sing N N 57 
LEU OXT HXT  sing N N 58 
PRO N   CA   sing N N 59 
PRO N   CD   sing N N 60 
PRO N   H    sing N N 61 
PRO CA  C    sing N N 62 
PRO CA  CB   sing N N 63 
PRO CA  HA   sing N N 64 
PRO C   O    doub N N 65 
PRO C   OXT  sing N N 66 
PRO CB  CG   sing N N 67 
PRO CB  HB2  sing N N 68 
PRO CB  HB3  sing N N 69 
PRO CG  CD   sing N N 70 
PRO CG  HG2  sing N N 71 
PRO CG  HG3  sing N N 72 
PRO CD  HD2  sing N N 73 
PRO CD  HD3  sing N N 74 
PRO OXT HXT  sing N N 75 
# 
loop_
_pdbx_entity_nonpoly.entity_id 
_pdbx_entity_nonpoly.name 
_pdbx_entity_nonpoly.comp_id 
2 ETHANOL EOH 
3 water   HOH 
# 
_pdbx_initial_refinement_model.id               1 
_pdbx_initial_refinement_model.entity_id_list   ? 
_pdbx_initial_refinement_model.type             'experimental model' 
_pdbx_initial_refinement_model.source_name      PDB 
_pdbx_initial_refinement_model.accession_code   1V4F 
_pdbx_initial_refinement_model.details          'PDB ENTRY 1V4F' 
# 
